data_2LB7
#
_entry.id   2LB7
#
_entity_poly.entity_id   1
_entity_poly.type   'polypeptide(L)'
_entity_poly.pdbx_seq_one_letter_code
;AQRCGDQARGAKCPNCLCCGKYGFCGSGDAYCGAGSCQSQCRGC
;
_entity_poly.pdbx_strand_id   A
#
# COMPACT_ATOMS: atom_id res chain seq x y z
N ALA A 1 -0.27 -9.33 5.17
CA ALA A 1 -0.01 -8.99 3.78
C ALA A 1 -1.28 -9.03 2.95
N GLN A 2 -1.57 -7.92 2.28
CA GLN A 2 -2.77 -7.82 1.45
C GLN A 2 -2.46 -7.12 0.13
N ARG A 3 -3.17 -7.53 -0.92
CA ARG A 3 -2.96 -6.94 -2.24
C ARG A 3 -4.00 -5.86 -2.52
N CYS A 4 -3.58 -4.82 -3.22
CA CYS A 4 -4.47 -3.71 -3.56
C CYS A 4 -4.20 -3.20 -4.98
N GLY A 5 -4.88 -2.12 -5.35
CA GLY A 5 -4.70 -1.55 -6.67
C GLY A 5 -5.12 -2.50 -7.77
N ASP A 6 -4.46 -2.40 -8.92
CA ASP A 6 -4.78 -3.25 -10.05
C ASP A 6 -4.61 -4.72 -9.69
N GLN A 7 -3.82 -4.99 -8.65
CA GLN A 7 -3.58 -6.35 -8.20
C GLN A 7 -4.74 -6.86 -7.34
N ALA A 8 -5.73 -6.00 -7.14
CA ALA A 8 -6.91 -6.37 -6.34
C ALA A 8 -8.18 -5.83 -6.97
N ARG A 9 -8.23 -5.80 -8.30
CA ARG A 9 -9.39 -5.31 -9.01
C ARG A 9 -9.70 -3.86 -8.62
N GLY A 10 -8.67 -3.12 -8.26
CA GLY A 10 -8.84 -1.73 -7.87
C GLY A 10 -9.32 -1.59 -6.43
N ALA A 11 -9.00 -2.59 -5.61
CA ALA A 11 -9.41 -2.58 -4.22
C ALA A 11 -8.50 -1.66 -3.39
N LYS A 12 -9.10 -0.93 -2.46
CA LYS A 12 -8.35 -0.01 -1.60
C LYS A 12 -8.09 -0.64 -0.24
N CYS A 13 -7.07 -0.13 0.45
CA CYS A 13 -6.72 -0.64 1.78
C CYS A 13 -7.15 0.34 2.86
N PRO A 14 -7.29 -0.17 4.09
CA PRO A 14 -7.70 0.64 5.25
C PRO A 14 -6.61 1.63 5.68
N ASN A 15 -6.85 2.33 6.77
CA ASN A 15 -5.90 3.30 7.29
C ASN A 15 -4.79 2.60 8.07
N CYS A 16 -3.75 3.37 8.43
CA CYS A 16 -2.64 2.82 9.19
C CYS A 16 -1.86 1.81 8.35
N LEU A 17 -2.14 1.79 7.05
CA LEU A 17 -1.47 0.87 6.14
C LEU A 17 -1.01 1.59 4.88
N CYS A 18 -0.05 0.99 4.17
CA CYS A 18 0.47 1.59 2.95
C CYS A 18 0.28 0.64 1.76
N CYS A 19 -0.18 1.19 0.64
CA CYS A 19 -0.40 0.40 -0.56
C CYS A 19 0.73 0.59 -1.56
N GLY A 20 1.55 -0.45 -1.73
CA GLY A 20 2.66 -0.37 -2.66
C GLY A 20 2.21 -0.26 -4.10
N LYS A 21 2.87 0.61 -4.87
CA LYS A 21 2.53 0.81 -6.27
C LYS A 21 2.32 -0.52 -6.98
N TYR A 22 3.03 -1.54 -6.52
CA TYR A 22 2.92 -2.88 -7.11
C TYR A 22 1.73 -3.64 -6.54
N GLY A 23 0.64 -2.90 -6.31
CA GLY A 23 -0.56 -3.53 -5.76
C GLY A 23 -0.26 -4.42 -4.58
N PHE A 24 0.60 -3.95 -3.68
CA PHE A 24 0.97 -4.72 -2.50
C PHE A 24 0.84 -3.87 -1.24
N CYS A 25 -0.20 -4.12 -0.45
CA CYS A 25 -0.42 -3.38 0.78
C CYS A 25 0.31 -4.03 1.95
N GLY A 26 1.15 -3.25 2.61
CA GLY A 26 1.90 -3.77 3.74
C GLY A 26 2.18 -2.71 4.79
N SER A 27 3.19 -2.94 5.61
CA SER A 27 3.55 -1.99 6.67
C SER A 27 5.06 -1.76 6.69
N GLY A 28 5.52 -1.00 7.69
CA GLY A 28 6.93 -0.71 7.80
C GLY A 28 7.42 0.29 6.76
N ASP A 29 8.54 0.93 7.04
CA ASP A 29 9.10 1.92 6.13
C ASP A 29 9.50 1.27 4.80
N ALA A 30 9.63 -0.06 4.82
CA ALA A 30 10.01 -0.80 3.63
C ALA A 30 8.98 -0.61 2.52
N TYR A 31 7.72 -0.43 2.90
CA TYR A 31 6.64 -0.23 1.93
C TYR A 31 5.98 1.13 2.12
N CYS A 32 6.20 1.72 3.29
CA CYS A 32 5.62 3.02 3.60
C CYS A 32 6.56 4.15 3.17
N GLY A 33 7.85 3.84 3.09
CA GLY A 33 8.82 4.84 2.70
C GLY A 33 8.54 5.41 1.32
N ALA A 34 9.16 6.55 1.01
CA ALA A 34 8.98 7.20 -0.27
C ALA A 34 9.81 6.53 -1.35
N GLY A 35 9.13 5.87 -2.30
CA GLY A 35 9.83 5.20 -3.38
C GLY A 35 9.01 4.07 -3.98
N SER A 36 8.08 3.54 -3.20
CA SER A 36 7.22 2.45 -3.67
C SER A 36 5.79 2.65 -3.20
N CYS A 37 5.50 3.83 -2.69
CA CYS A 37 4.15 4.15 -2.20
C CYS A 37 3.29 4.74 -3.31
N GLN A 38 2.06 4.26 -3.40
CA GLN A 38 1.13 4.73 -4.42
C GLN A 38 -0.20 5.15 -3.81
N SER A 39 -0.78 4.25 -3.01
CA SER A 39 -2.06 4.51 -2.36
C SER A 39 -1.94 4.35 -0.84
N GLN A 40 -2.85 4.99 -0.11
CA GLN A 40 -2.84 4.91 1.34
C GLN A 40 -1.48 5.28 1.91
N CYS A 41 -0.92 6.38 1.42
CA CYS A 41 0.38 6.85 1.88
C CYS A 41 0.26 7.62 3.19
N ARG A 42 -0.15 6.91 4.24
CA ARG A 42 -0.31 7.53 5.56
C ARG A 42 -0.43 6.46 6.65
N GLY A 43 0.14 5.28 6.37
CA GLY A 43 0.08 4.19 7.33
C GLY A 43 0.94 4.46 8.56
N CYS A 44 0.94 3.51 9.49
CA CYS A 44 1.72 3.64 10.71
C CYS A 44 3.06 2.94 10.57
N ALA A 1 -0.14 -9.14 5.24
CA ALA A 1 0.12 -8.95 3.82
C ALA A 1 -1.17 -8.99 3.02
N GLN A 2 -1.48 -7.89 2.35
CA GLN A 2 -2.69 -7.79 1.54
C GLN A 2 -2.42 -7.11 0.21
N ARG A 3 -3.14 -7.52 -0.82
CA ARG A 3 -2.96 -6.95 -2.16
C ARG A 3 -4.00 -5.87 -2.42
N CYS A 4 -3.60 -4.82 -3.13
CA CYS A 4 -4.51 -3.72 -3.46
C CYS A 4 -4.26 -3.22 -4.88
N GLY A 5 -4.94 -2.14 -5.25
CA GLY A 5 -4.78 -1.58 -6.57
C GLY A 5 -5.22 -2.55 -7.66
N ASP A 6 -4.59 -2.44 -8.83
CA ASP A 6 -4.92 -3.30 -9.95
C ASP A 6 -4.73 -4.78 -9.58
N GLN A 7 -3.92 -5.02 -8.56
CA GLN A 7 -3.66 -6.38 -8.10
C GLN A 7 -4.79 -6.90 -7.23
N ALA A 8 -5.79 -6.05 -7.01
CA ALA A 8 -6.94 -6.43 -6.18
C ALA A 8 -8.24 -5.89 -6.78
N ARG A 9 -8.31 -5.87 -8.11
CA ARG A 9 -9.50 -5.39 -8.81
C ARG A 9 -9.82 -3.95 -8.41
N GLY A 10 -8.77 -3.19 -8.07
CA GLY A 10 -8.97 -1.81 -7.67
C GLY A 10 -9.42 -1.68 -6.23
N ALA A 11 -9.08 -2.66 -5.41
CA ALA A 11 -9.45 -2.66 -4.00
C ALA A 11 -8.55 -1.73 -3.20
N LYS A 12 -9.14 -0.98 -2.27
CA LYS A 12 -8.38 -0.06 -1.44
C LYS A 12 -8.09 -0.67 -0.07
N CYS A 13 -7.07 -0.16 0.60
CA CYS A 13 -6.67 -0.65 1.91
C CYS A 13 -7.08 0.33 3.01
N PRO A 14 -7.20 -0.17 4.24
CA PRO A 14 -7.58 0.64 5.40
C PRO A 14 -6.49 1.63 5.79
N ASN A 15 -6.72 2.33 6.90
CA ASN A 15 -5.76 3.32 7.39
C ASN A 15 -4.62 2.64 8.15
N CYS A 16 -3.60 3.41 8.49
CA CYS A 16 -2.45 2.88 9.23
C CYS A 16 -1.69 1.88 8.37
N LEU A 17 -1.99 1.84 7.08
CA LEU A 17 -1.34 0.92 6.16
C LEU A 17 -0.91 1.64 4.89
N CYS A 18 0.04 1.04 4.17
CA CYS A 18 0.55 1.63 2.93
C CYS A 18 0.32 0.68 1.76
N CYS A 19 -0.15 1.22 0.64
CA CYS A 19 -0.40 0.42 -0.55
C CYS A 19 0.71 0.61 -1.58
N GLY A 20 1.54 -0.42 -1.76
CA GLY A 20 2.64 -0.35 -2.71
C GLY A 20 2.14 -0.24 -4.14
N LYS A 21 2.79 0.62 -4.92
CA LYS A 21 2.42 0.82 -6.31
C LYS A 21 2.21 -0.52 -7.01
N TYR A 22 2.93 -1.54 -6.56
CA TYR A 22 2.82 -2.87 -7.15
C TYR A 22 1.64 -3.63 -6.55
N GLY A 23 0.55 -2.91 -6.30
CA GLY A 23 -0.64 -3.53 -5.74
C GLY A 23 -0.31 -4.42 -4.55
N PHE A 24 0.55 -3.94 -3.67
CA PHE A 24 0.95 -4.70 -2.49
C PHE A 24 0.86 -3.85 -1.23
N CYS A 25 -0.18 -4.10 -0.42
CA CYS A 25 -0.39 -3.35 0.81
C CYS A 25 0.38 -3.99 1.97
N GLY A 26 1.23 -3.21 2.61
CA GLY A 26 2.01 -3.71 3.73
C GLY A 26 2.30 -2.65 4.77
N SER A 27 3.33 -2.87 5.57
CA SER A 27 3.71 -1.92 6.61
C SER A 27 5.21 -1.68 6.60
N GLY A 28 5.69 -0.91 7.59
CA GLY A 28 7.11 -0.61 7.67
C GLY A 28 7.56 0.37 6.61
N ASP A 29 8.69 1.04 6.87
CA ASP A 29 9.22 2.01 5.93
C ASP A 29 9.61 1.36 4.61
N ALA A 30 9.73 0.04 4.64
CA ALA A 30 10.09 -0.71 3.43
C ALA A 30 9.05 -0.53 2.34
N TYR A 31 7.79 -0.36 2.74
CA TYR A 31 6.70 -0.17 1.80
C TYR A 31 6.04 1.19 2.00
N CYS A 32 6.26 1.79 3.16
CA CYS A 32 5.69 3.09 3.47
C CYS A 32 6.61 4.22 3.03
N GLY A 33 7.90 3.92 2.92
CA GLY A 33 8.87 4.92 2.50
C GLY A 33 8.55 5.48 1.13
N ALA A 34 9.17 6.62 0.81
CA ALA A 34 8.95 7.26 -0.48
C ALA A 34 9.77 6.59 -1.58
N GLY A 35 9.08 5.93 -2.50
CA GLY A 35 9.76 5.25 -3.59
C GLY A 35 8.93 4.12 -4.17
N SER A 36 8.01 3.59 -3.38
CA SER A 36 7.16 2.50 -3.82
C SER A 36 5.73 2.68 -3.31
N CYS A 37 5.44 3.87 -2.81
CA CYS A 37 4.11 4.18 -2.29
C CYS A 37 3.22 4.76 -3.39
N GLN A 38 1.98 4.28 -3.46
CA GLN A 38 1.04 4.75 -4.47
C GLN A 38 -0.29 5.14 -3.82
N SER A 39 -0.84 4.26 -3.01
CA SER A 39 -2.10 4.52 -2.33
C SER A 39 -1.97 4.36 -0.82
N GLN A 40 -2.86 4.99 -0.08
CA GLN A 40 -2.83 4.93 1.37
C GLN A 40 -1.46 5.31 1.92
N CYS A 41 -0.92 6.41 1.41
CA CYS A 41 0.40 6.88 1.83
C CYS A 41 0.29 7.66 3.15
N ARG A 42 -0.09 6.95 4.21
CA ARG A 42 -0.22 7.57 5.53
C ARG A 42 -0.31 6.51 6.62
N GLY A 43 0.25 5.34 6.34
CA GLY A 43 0.22 4.25 7.32
C GLY A 43 1.10 4.52 8.51
N CYS A 44 1.13 3.58 9.45
CA CYS A 44 1.93 3.72 10.66
C CYS A 44 3.28 3.03 10.50
N ALA A 1 -0.16 -8.39 5.00
CA ALA A 1 0.07 -8.97 3.68
C ALA A 1 -1.22 -8.98 2.86
N GLN A 2 -1.51 -7.86 2.20
CA GLN A 2 -2.72 -7.75 1.39
C GLN A 2 -2.42 -7.05 0.07
N ARG A 3 -3.13 -7.44 -0.98
CA ARG A 3 -2.94 -6.85 -2.30
C ARG A 3 -3.97 -5.76 -2.56
N CYS A 4 -3.55 -4.71 -3.26
CA CYS A 4 -4.44 -3.60 -3.59
C CYS A 4 -4.18 -3.09 -4.99
N GLY A 5 -4.85 -2.00 -5.35
CA GLY A 5 -4.68 -1.42 -6.67
C GLY A 5 -5.11 -2.36 -7.78
N ASP A 6 -4.47 -2.26 -8.93
CA ASP A 6 -4.79 -3.11 -10.07
C ASP A 6 -4.62 -4.57 -9.72
N GLN A 7 -3.84 -4.84 -8.68
CA GLN A 7 -3.60 -6.22 -8.24
C GLN A 7 -4.75 -6.73 -7.38
N ALA A 8 -5.75 -5.87 -7.17
CA ALA A 8 -6.91 -6.23 -6.36
C ALA A 8 -8.19 -5.68 -6.97
N ARG A 9 -8.24 -5.64 -8.30
CA ARG A 9 -9.41 -5.14 -9.01
C ARG A 9 -9.71 -3.70 -8.60
N GLY A 10 -8.66 -2.96 -8.25
CA GLY A 10 -8.84 -1.58 -7.83
C GLY A 10 -9.31 -1.45 -6.41
N ALA A 11 -8.99 -2.46 -5.58
CA ALA A 11 -9.39 -2.44 -4.18
C ALA A 11 -8.47 -1.54 -3.37
N LYS A 12 -9.06 -0.81 -2.42
CA LYS A 12 -8.30 0.09 -1.56
C LYS A 12 -8.03 -0.55 -0.20
N CYS A 13 -7.01 -0.05 0.48
CA CYS A 13 -6.64 -0.56 1.79
C CYS A 13 -7.05 0.40 2.89
N PRO A 14 -7.19 -0.12 4.12
CA PRO A 14 -7.57 0.69 5.29
C PRO A 14 -6.48 1.66 5.71
N ASN A 15 -6.72 2.35 6.82
CA ASN A 15 -5.75 3.32 7.33
C ASN A 15 -4.63 2.62 8.10
N CYS A 16 -3.60 3.38 8.47
CA CYS A 16 -2.48 2.82 9.20
C CYS A 16 -1.71 1.82 8.35
N LEU A 17 -2.00 1.80 7.05
CA LEU A 17 -1.34 0.89 6.12
C LEU A 17 -0.88 1.63 4.86
N CYS A 18 0.06 1.02 4.15
CA CYS A 18 0.57 1.63 2.92
C CYS A 18 0.37 0.69 1.74
N CYS A 19 -0.08 1.25 0.62
CA CYS A 19 -0.33 0.46 -0.58
C CYS A 19 0.80 0.66 -1.59
N GLY A 20 1.61 -0.38 -1.78
CA GLY A 20 2.71 -0.30 -2.71
C GLY A 20 2.24 -0.17 -4.15
N LYS A 21 2.91 0.69 -4.91
CA LYS A 21 2.55 0.91 -6.31
C LYS A 21 2.33 -0.42 -7.03
N TYR A 22 3.05 -1.45 -6.58
CA TYR A 22 2.92 -2.77 -7.18
C TYR A 22 1.73 -3.53 -6.61
N GLY A 23 0.64 -2.81 -6.37
CA GLY A 23 -0.55 -3.42 -5.81
C GLY A 23 -0.25 -4.32 -4.64
N PHE A 24 0.63 -3.86 -3.74
CA PHE A 24 1.00 -4.64 -2.57
C PHE A 24 0.90 -3.80 -1.30
N CYS A 25 -0.14 -4.05 -0.51
CA CYS A 25 -0.35 -3.32 0.73
C CYS A 25 0.38 -3.98 1.89
N GLY A 26 1.24 -3.21 2.55
CA GLY A 26 1.99 -3.74 3.67
C GLY A 26 2.28 -2.68 4.72
N SER A 27 3.30 -2.92 5.53
CA SER A 27 3.68 -2.00 6.60
C SER A 27 5.18 -1.76 6.60
N GLY A 28 5.65 -1.01 7.59
CA GLY A 28 7.07 -0.73 7.71
C GLY A 28 7.55 0.27 6.67
N ASP A 29 8.67 0.91 6.93
CA ASP A 29 9.24 1.90 6.02
C ASP A 29 9.61 1.25 4.69
N ALA A 30 9.73 -0.07 4.70
CA ALA A 30 10.09 -0.82 3.49
C ALA A 30 9.06 -0.60 2.39
N TYR A 31 7.81 -0.42 2.79
CA TYR A 31 6.72 -0.21 1.84
C TYR A 31 6.07 1.15 2.05
N CYS A 32 6.29 1.73 3.21
CA CYS A 32 5.74 3.04 3.54
C CYS A 32 6.67 4.17 3.12
N GLY A 33 7.96 3.85 3.02
CA GLY A 33 8.94 4.85 2.62
C GLY A 33 8.64 5.43 1.26
N ALA A 34 9.27 6.57 0.96
CA ALA A 34 9.07 7.23 -0.33
C ALA A 34 9.90 6.56 -1.43
N GLY A 35 9.21 5.92 -2.36
CA GLY A 35 9.89 5.24 -3.45
C GLY A 35 9.07 4.13 -4.05
N SER A 36 8.13 3.60 -3.28
CA SER A 36 7.27 2.52 -3.74
C SER A 36 5.84 2.72 -3.25
N CYS A 37 5.55 3.90 -2.74
CA CYS A 37 4.23 4.21 -2.23
C CYS A 37 3.36 4.81 -3.33
N GLN A 38 2.11 4.34 -3.43
CA GLN A 38 1.18 4.82 -4.44
C GLN A 38 -0.15 5.24 -3.80
N SER A 39 -0.72 4.33 -3.00
CA SER A 39 -1.98 4.60 -2.34
C SER A 39 -1.85 4.42 -0.83
N GLN A 40 -2.76 5.06 -0.09
CA GLN A 40 -2.75 4.96 1.36
C GLN A 40 -1.38 5.33 1.93
N CYS A 41 -0.82 6.44 1.44
CA CYS A 41 0.49 6.89 1.88
C CYS A 41 0.38 7.65 3.20
N ARG A 42 -0.02 6.94 4.25
CA ARG A 42 -0.17 7.55 5.58
C ARG A 42 -0.29 6.47 6.65
N GLY A 43 0.27 5.30 6.38
CA GLY A 43 0.22 4.20 7.33
C GLY A 43 1.09 4.45 8.54
N CYS A 44 1.10 3.50 9.47
CA CYS A 44 1.89 3.62 10.69
C CYS A 44 3.24 2.92 10.53
N ALA A 1 0.00 -9.77 4.93
CA ALA A 1 0.12 -8.91 3.76
C ALA A 1 -1.17 -8.94 2.95
N GLN A 2 -1.46 -7.81 2.29
CA GLN A 2 -2.66 -7.70 1.47
C GLN A 2 -2.36 -7.00 0.15
N ARG A 3 -3.08 -7.40 -0.90
CA ARG A 3 -2.88 -6.81 -2.22
C ARG A 3 -3.91 -5.72 -2.49
N CYS A 4 -3.49 -4.68 -3.19
CA CYS A 4 -4.37 -3.56 -3.51
C CYS A 4 -4.11 -3.04 -4.92
N GLY A 5 -4.76 -1.95 -5.28
CA GLY A 5 -4.59 -1.37 -6.60
C GLY A 5 -5.03 -2.32 -7.71
N ASP A 6 -4.39 -2.20 -8.86
CA ASP A 6 -4.72 -3.05 -10.00
C ASP A 6 -4.55 -4.53 -9.65
N GLN A 7 -3.76 -4.80 -8.62
CA GLN A 7 -3.51 -6.17 -8.19
C GLN A 7 -4.67 -6.68 -7.32
N ALA A 8 -5.66 -5.82 -7.09
CA ALA A 8 -6.81 -6.19 -6.28
C ALA A 8 -8.10 -5.64 -6.88
N ARG A 9 -8.15 -5.60 -8.21
CA ARG A 9 -9.33 -5.09 -8.91
C ARG A 9 -9.63 -3.65 -8.49
N GLY A 10 -8.59 -2.92 -8.14
CA GLY A 10 -8.75 -1.53 -7.73
C GLY A 10 -9.22 -1.41 -6.28
N ALA A 11 -8.89 -2.41 -5.48
CA ALA A 11 -9.28 -2.42 -4.08
C ALA A 11 -8.37 -1.52 -3.25
N LYS A 12 -8.96 -0.75 -2.34
CA LYS A 12 -8.20 0.16 -1.49
C LYS A 12 -7.93 -0.47 -0.12
N CYS A 13 -6.90 0.02 0.56
CA CYS A 13 -6.54 -0.50 1.87
C CYS A 13 -6.94 0.48 2.96
N PRO A 14 -7.07 -0.04 4.20
CA PRO A 14 -7.46 0.77 5.36
C PRO A 14 -6.36 1.74 5.78
N ASN A 15 -6.59 2.45 6.88
CA ASN A 15 -5.61 3.41 7.39
C ASN A 15 -4.49 2.70 8.15
N CYS A 16 -3.46 3.46 8.51
CA CYS A 16 -2.33 2.91 9.23
C CYS A 16 -1.57 1.90 8.38
N LEU A 17 -1.87 1.88 7.09
CA LEU A 17 -1.21 0.96 6.16
C LEU A 17 -0.77 1.68 4.90
N CYS A 18 0.17 1.08 4.18
CA CYS A 18 0.69 1.67 2.95
C CYS A 18 0.49 0.73 1.77
N CYS A 19 0.03 1.28 0.65
CA CYS A 19 -0.20 0.49 -0.55
C CYS A 19 0.93 0.67 -1.56
N GLY A 20 1.72 -0.38 -1.74
CA GLY A 20 2.83 -0.33 -2.67
C GLY A 20 2.37 -0.20 -4.11
N LYS A 21 3.04 0.65 -4.88
CA LYS A 21 2.71 0.86 -6.27
C LYS A 21 2.46 -0.47 -6.99
N TYR A 22 3.16 -1.51 -6.54
CA TYR A 22 3.02 -2.83 -7.13
C TYR A 22 1.82 -3.56 -6.54
N GLY A 23 0.73 -2.83 -6.30
CA GLY A 23 -0.46 -3.42 -5.74
C GLY A 23 -0.17 -4.32 -4.56
N PHE A 24 0.71 -3.87 -3.67
CA PHE A 24 1.08 -4.64 -2.49
C PHE A 24 0.98 -3.79 -1.23
N CYS A 25 -0.06 -4.03 -0.45
CA CYS A 25 -0.28 -3.29 0.80
C CYS A 25 0.46 -3.95 1.96
N GLY A 26 1.32 -3.18 2.62
CA GLY A 26 2.07 -3.70 3.75
C GLY A 26 2.36 -2.66 4.79
N SER A 27 3.38 -2.90 5.61
CA SER A 27 3.76 -1.96 6.67
C SER A 27 5.27 -1.74 6.68
N GLY A 28 5.74 -0.99 7.67
CA GLY A 28 7.16 -0.71 7.77
C GLY A 28 7.64 0.27 6.73
N ASP A 29 8.77 0.91 6.99
CA ASP A 29 9.34 1.88 6.06
C ASP A 29 9.72 1.23 4.75
N ALA A 30 9.83 -0.10 4.76
CA ALA A 30 10.18 -0.85 3.57
C ALA A 30 9.15 -0.64 2.46
N TYR A 31 7.90 -0.45 2.85
CA TYR A 31 6.82 -0.23 1.89
C TYR A 31 6.17 1.14 2.10
N CYS A 32 6.40 1.73 3.27
CA CYS A 32 5.85 3.03 3.59
C CYS A 32 6.79 4.15 3.16
N GLY A 33 8.08 3.83 3.07
CA GLY A 33 9.07 4.81 2.66
C GLY A 33 8.78 5.40 1.29
N ALA A 34 9.41 6.52 0.99
CA ALA A 34 9.23 7.19 -0.29
C ALA A 34 10.04 6.51 -1.38
N GLY A 35 9.37 5.84 -2.30
CA GLY A 35 10.06 5.16 -3.38
C GLY A 35 9.23 4.05 -4.00
N SER A 36 8.28 3.53 -3.22
CA SER A 36 7.41 2.45 -3.69
C SER A 36 5.98 2.66 -3.23
N CYS A 37 5.70 3.85 -2.70
CA CYS A 37 4.36 4.19 -2.22
C CYS A 37 3.52 4.78 -3.34
N GLN A 38 2.26 4.33 -3.43
CA GLN A 38 1.35 4.82 -4.45
C GLN A 38 0.01 5.21 -3.84
N SER A 39 -0.55 4.33 -3.02
CA SER A 39 -1.83 4.60 -2.37
C SER A 39 -1.72 4.43 -0.85
N GLN A 40 -2.64 5.04 -0.14
CA GLN A 40 -2.64 4.95 1.33
C GLN A 40 -1.28 5.33 1.89
N CYS A 41 -0.71 6.41 1.38
CA CYS A 41 0.59 6.88 1.84
C CYS A 41 0.46 7.65 3.15
N ARG A 42 0.07 6.94 4.21
CA ARG A 42 -0.08 7.56 5.52
C ARG A 42 -0.18 6.50 6.61
N GLY A 43 0.38 5.33 6.35
CA GLY A 43 0.35 4.25 7.31
C GLY A 43 1.24 4.51 8.52
N CYS A 44 1.24 3.59 9.46
CA CYS A 44 2.04 3.72 10.67
C CYS A 44 3.39 3.03 10.51
N ALA A 1 -0.11 -9.81 4.91
CA ALA A 1 0.00 -8.94 3.74
C ALA A 1 -1.29 -8.96 2.93
N GLN A 2 -1.59 -7.83 2.28
CA GLN A 2 -2.80 -7.72 1.46
C GLN A 2 -2.50 -7.02 0.14
N ARG A 3 -3.21 -7.40 -0.90
CA ARG A 3 -3.03 -6.81 -2.22
C ARG A 3 -4.06 -5.71 -2.47
N CYS A 4 -3.64 -4.67 -3.17
CA CYS A 4 -4.52 -3.55 -3.48
C CYS A 4 -4.27 -3.03 -4.90
N GLY A 5 -4.93 -1.93 -5.25
CA GLY A 5 -4.77 -1.35 -6.57
C GLY A 5 -5.21 -2.29 -7.67
N ASP A 6 -4.58 -2.18 -8.84
CA ASP A 6 -4.91 -3.02 -9.98
C ASP A 6 -4.74 -4.50 -9.63
N GLN A 7 -3.94 -4.77 -8.61
CA GLN A 7 -3.69 -6.14 -8.17
C GLN A 7 -4.84 -6.66 -7.31
N ALA A 8 -5.82 -5.80 -7.07
CA ALA A 8 -6.98 -6.18 -6.26
C ALA A 8 -8.27 -5.63 -6.86
N ARG A 9 -8.33 -5.58 -8.19
CA ARG A 9 -9.51 -5.07 -8.88
C ARG A 9 -9.81 -3.63 -8.46
N GLY A 10 -8.76 -2.89 -8.11
CA GLY A 10 -8.94 -1.52 -7.69
C GLY A 10 -9.40 -1.40 -6.25
N ALA A 11 -9.06 -2.41 -5.44
CA ALA A 11 -9.45 -2.41 -4.04
C ALA A 11 -8.54 -1.50 -3.21
N LYS A 12 -9.13 -0.78 -2.27
CA LYS A 12 -8.37 0.14 -1.42
C LYS A 12 -8.08 -0.50 -0.06
N CYS A 13 -7.05 -0.01 0.61
CA CYS A 13 -6.67 -0.53 1.92
C CYS A 13 -7.08 0.44 3.03
N PRO A 14 -7.20 -0.08 4.26
CA PRO A 14 -7.57 0.72 5.43
C PRO A 14 -6.47 1.69 5.84
N ASN A 15 -6.70 2.39 6.95
CA ASN A 15 -5.72 3.36 7.46
C ASN A 15 -4.60 2.65 8.21
N CYS A 16 -3.57 3.40 8.56
CA CYS A 16 -2.42 2.85 9.28
C CYS A 16 -1.67 1.84 8.42
N LEU A 17 -1.98 1.82 7.13
CA LEU A 17 -1.33 0.91 6.20
C LEU A 17 -0.89 1.65 4.93
N CYS A 18 0.06 1.05 4.21
CA CYS A 18 0.56 1.64 2.98
C CYS A 18 0.35 0.71 1.79
N CYS A 19 -0.11 1.27 0.68
CA CYS A 19 -0.36 0.48 -0.52
C CYS A 19 0.77 0.67 -1.54
N GLY A 20 1.57 -0.37 -1.73
CA GLY A 20 2.67 -0.31 -2.67
C GLY A 20 2.20 -0.17 -4.11
N LYS A 21 2.87 0.68 -4.87
CA LYS A 21 2.52 0.89 -6.26
C LYS A 21 2.28 -0.43 -6.98
N TYR A 22 2.98 -1.47 -6.53
CA TYR A 22 2.84 -2.79 -7.14
C TYR A 22 1.64 -3.53 -6.54
N GLY A 23 0.56 -2.79 -6.29
CA GLY A 23 -0.63 -3.39 -5.75
C GLY A 23 -0.34 -4.30 -4.56
N PHE A 24 0.55 -3.85 -3.68
CA PHE A 24 0.93 -4.63 -2.50
C PHE A 24 0.83 -3.79 -1.24
N CYS A 25 -0.21 -4.03 -0.44
CA CYS A 25 -0.41 -3.29 0.79
C CYS A 25 0.33 -3.97 1.95
N GLY A 26 1.19 -3.20 2.61
CA GLY A 26 1.95 -3.73 3.73
C GLY A 26 2.24 -2.68 4.78
N SER A 27 3.28 -2.92 5.59
CA SER A 27 3.66 -2.00 6.65
C SER A 27 5.17 -1.78 6.65
N GLY A 28 5.64 -1.03 7.64
CA GLY A 28 7.07 -0.75 7.74
C GLY A 28 7.54 0.24 6.70
N ASP A 29 8.67 0.89 6.97
CA ASP A 29 9.23 1.87 6.05
C ASP A 29 9.60 1.22 4.72
N ALA A 30 9.72 -0.11 4.73
CA ALA A 30 10.06 -0.85 3.52
C ALA A 30 9.03 -0.63 2.42
N TYR A 31 7.78 -0.44 2.83
CA TYR A 31 6.69 -0.23 1.87
C TYR A 31 6.04 1.13 2.09
N CYS A 32 6.28 1.72 3.25
CA CYS A 32 5.73 3.03 3.58
C CYS A 32 6.67 4.14 3.15
N GLY A 33 7.95 3.82 3.06
CA GLY A 33 8.94 4.81 2.65
C GLY A 33 8.64 5.41 1.29
N ALA A 34 9.27 6.53 0.99
CA ALA A 34 9.07 7.20 -0.30
C ALA A 34 9.89 6.52 -1.40
N GLY A 35 9.20 5.86 -2.32
CA GLY A 35 9.89 5.19 -3.41
C GLY A 35 9.05 4.08 -4.01
N SER A 36 8.11 3.55 -3.23
CA SER A 36 7.24 2.48 -3.71
C SER A 36 5.81 2.68 -3.23
N CYS A 37 5.54 3.88 -2.70
CA CYS A 37 4.21 4.20 -2.21
C CYS A 37 3.34 4.80 -3.31
N GLN A 38 2.09 4.35 -3.39
CA GLN A 38 1.17 4.84 -4.41
C GLN A 38 -0.16 5.24 -3.78
N SER A 39 -0.72 4.35 -2.97
CA SER A 39 -1.99 4.61 -2.30
C SER A 39 -1.87 4.44 -0.79
N GLN A 40 -2.77 5.07 -0.05
CA GLN A 40 -2.77 4.99 1.40
C GLN A 40 -1.39 5.34 1.95
N CYS A 41 -0.82 6.44 1.46
CA CYS A 41 0.48 6.90 1.91
C CYS A 41 0.37 7.66 3.22
N ARG A 42 -0.02 6.96 4.28
CA ARG A 42 -0.17 7.56 5.60
C ARG A 42 -0.29 6.50 6.68
N GLY A 43 0.27 5.32 6.41
CA GLY A 43 0.23 4.24 7.37
C GLY A 43 1.11 4.49 8.57
N CYS A 44 1.14 3.53 9.49
CA CYS A 44 1.96 3.64 10.69
C CYS A 44 3.30 2.93 10.50
N ALA A 1 -0.09 -9.33 5.23
CA ALA A 1 0.11 -8.93 3.84
C ALA A 1 -1.20 -8.97 3.05
N GLN A 2 -1.51 -7.87 2.39
CA GLN A 2 -2.74 -7.78 1.61
C GLN A 2 -2.48 -7.09 0.27
N ARG A 3 -3.21 -7.50 -0.76
CA ARG A 3 -3.06 -6.94 -2.08
C ARG A 3 -4.11 -5.85 -2.34
N CYS A 4 -3.71 -4.80 -3.06
CA CYS A 4 -4.60 -3.70 -3.37
C CYS A 4 -4.38 -3.20 -4.80
N GLY A 5 -5.07 -2.11 -5.15
CA GLY A 5 -4.93 -1.55 -6.47
C GLY A 5 -5.39 -2.51 -7.56
N ASP A 6 -4.78 -2.41 -8.73
CA ASP A 6 -5.14 -3.27 -9.85
C ASP A 6 -4.95 -4.74 -9.49
N GLN A 7 -4.13 -4.99 -8.48
CA GLN A 7 -3.85 -6.36 -8.03
C GLN A 7 -4.98 -6.87 -7.14
N ALA A 8 -5.97 -6.02 -6.90
CA ALA A 8 -7.11 -6.39 -6.06
C ALA A 8 -8.41 -5.85 -6.64
N ARG A 9 -8.50 -5.83 -7.96
CA ARG A 9 -9.70 -5.34 -8.63
C ARG A 9 -10.01 -3.90 -8.23
N GLY A 10 -8.95 -3.15 -7.90
CA GLY A 10 -9.12 -1.77 -7.51
C GLY A 10 -9.56 -1.63 -6.06
N ALA A 11 -9.21 -2.62 -5.25
CA ALA A 11 -9.55 -2.61 -3.84
C ALA A 11 -8.63 -1.68 -3.05
N LYS A 12 -9.20 -0.93 -2.12
CA LYS A 12 -8.44 0.00 -1.29
C LYS A 12 -8.12 -0.63 0.07
N CYS A 13 -7.08 -0.11 0.71
CA CYS A 13 -6.67 -0.61 2.02
C CYS A 13 -7.06 0.38 3.12
N PRO A 14 -7.15 -0.13 4.36
CA PRO A 14 -7.52 0.69 5.53
C PRO A 14 -6.42 1.68 5.91
N ASN A 15 -6.63 2.39 7.01
CA ASN A 15 -5.65 3.37 7.48
C ASN A 15 -4.51 2.69 8.22
N CYS A 16 -3.47 3.45 8.54
CA CYS A 16 -2.31 2.92 9.25
C CYS A 16 -1.57 1.91 8.39
N LEU A 17 -1.91 1.87 7.10
CA LEU A 17 -1.26 0.94 6.17
C LEU A 17 -0.85 1.66 4.89
N CYS A 18 0.07 1.06 4.16
CA CYS A 18 0.56 1.64 2.90
C CYS A 18 0.33 0.68 1.74
N CYS A 19 -0.16 1.22 0.63
CA CYS A 19 -0.42 0.41 -0.57
C CYS A 19 0.68 0.60 -1.60
N GLY A 20 1.48 -0.44 -1.79
CA GLY A 20 2.57 -0.37 -2.76
C GLY A 20 2.06 -0.28 -4.18
N LYS A 21 2.72 0.57 -4.97
CA LYS A 21 2.33 0.76 -6.37
C LYS A 21 2.10 -0.58 -7.06
N TYR A 22 2.81 -1.60 -6.61
CA TYR A 22 2.67 -2.94 -7.18
C TYR A 22 1.50 -3.67 -6.56
N GLY A 23 0.42 -2.94 -6.30
CA GLY A 23 -0.76 -3.54 -5.71
C GLY A 23 -0.43 -4.43 -4.52
N PHE A 24 0.46 -3.95 -3.66
CA PHE A 24 0.86 -4.71 -2.48
C PHE A 24 0.79 -3.85 -1.23
N CYS A 25 -0.23 -4.10 -0.42
CA CYS A 25 -0.42 -3.34 0.82
C CYS A 25 0.36 -3.98 1.97
N GLY A 26 1.23 -3.20 2.60
CA GLY A 26 2.01 -3.71 3.72
C GLY A 26 2.31 -2.64 4.75
N SER A 27 3.36 -2.86 5.53
CA SER A 27 3.76 -1.91 6.57
C SER A 27 5.26 -1.68 6.53
N GLY A 28 5.75 -0.91 7.51
CA GLY A 28 7.17 -0.62 7.58
C GLY A 28 7.61 0.36 6.51
N ASP A 29 8.75 1.02 6.75
CA ASP A 29 9.28 1.99 5.80
C ASP A 29 9.64 1.33 4.47
N ALA A 30 9.76 0.00 4.50
CA ALA A 30 10.09 -0.75 3.30
C ALA A 30 9.04 -0.57 2.22
N TYR A 31 7.78 -0.38 2.65
CA TYR A 31 6.68 -0.20 1.71
C TYR A 31 6.03 1.16 1.91
N CYS A 32 6.28 1.77 3.07
CA CYS A 32 5.72 3.07 3.39
C CYS A 32 6.64 4.20 2.93
N GLY A 33 7.92 3.88 2.81
CA GLY A 33 8.89 4.88 2.37
C GLY A 33 8.56 5.44 1.00
N ALA A 34 9.18 6.57 0.66
CA ALA A 34 8.95 7.22 -0.62
C ALA A 34 9.76 6.53 -1.73
N GLY A 35 9.06 5.85 -2.62
CA GLY A 35 9.72 5.17 -3.71
C GLY A 35 8.89 4.04 -4.29
N SER A 36 7.96 3.52 -3.48
CA SER A 36 7.10 2.43 -3.92
C SER A 36 5.68 2.62 -3.41
N CYS A 37 5.40 3.82 -2.91
CA CYS A 37 4.08 4.15 -2.38
C CYS A 37 3.18 4.72 -3.48
N GLN A 38 1.94 4.26 -3.54
CA GLN A 38 0.99 4.72 -4.54
C GLN A 38 -0.33 5.13 -3.89
N SER A 39 -0.86 4.24 -3.05
CA SER A 39 -2.12 4.51 -2.37
C SER A 39 -1.97 4.35 -0.86
N GLN A 40 -2.87 5.00 -0.11
CA GLN A 40 -2.82 4.94 1.34
C GLN A 40 -1.45 5.32 1.86
N CYS A 41 -0.90 6.42 1.34
CA CYS A 41 0.41 6.89 1.75
C CYS A 41 0.33 7.67 3.07
N ARG A 42 -0.05 6.98 4.13
CA ARG A 42 -0.17 7.61 5.45
C ARG A 42 -0.26 6.57 6.54
N GLY A 43 0.30 5.39 6.28
CA GLY A 43 0.26 4.32 7.27
C GLY A 43 1.18 4.58 8.44
N CYS A 44 1.24 3.64 9.37
CA CYS A 44 2.09 3.77 10.55
C CYS A 44 3.43 3.07 10.34
N ALA A 1 -0.26 -8.68 5.00
CA ALA A 1 0.02 -9.01 3.61
C ALA A 1 -1.26 -9.02 2.79
N GLN A 2 -1.57 -7.89 2.15
CA GLN A 2 -2.77 -7.78 1.32
C GLN A 2 -2.46 -7.06 0.02
N ARG A 3 -3.17 -7.44 -1.04
CA ARG A 3 -2.98 -6.83 -2.35
C ARG A 3 -4.01 -5.74 -2.61
N CYS A 4 -3.59 -4.68 -3.29
CA CYS A 4 -4.48 -3.57 -3.59
C CYS A 4 -4.22 -3.03 -4.99
N GLY A 5 -4.88 -1.93 -5.34
CA GLY A 5 -4.71 -1.34 -6.65
C GLY A 5 -5.14 -2.26 -7.76
N ASP A 6 -4.49 -2.13 -8.92
CA ASP A 6 -4.82 -2.96 -10.08
C ASP A 6 -4.62 -4.43 -9.75
N GLN A 7 -3.83 -4.71 -8.72
CA GLN A 7 -3.58 -6.09 -8.31
C GLN A 7 -4.72 -6.63 -7.46
N ALA A 8 -5.72 -5.79 -7.22
CA ALA A 8 -6.88 -6.18 -6.43
C ALA A 8 -8.17 -5.63 -7.03
N ARG A 9 -8.22 -5.57 -8.36
CA ARG A 9 -9.41 -5.07 -9.05
C ARG A 9 -9.72 -3.64 -8.61
N GLY A 10 -8.68 -2.90 -8.22
CA GLY A 10 -8.88 -1.53 -7.79
C GLY A 10 -9.35 -1.44 -6.36
N ALA A 11 -9.01 -2.45 -5.56
CA ALA A 11 -9.41 -2.49 -4.15
C ALA A 11 -8.52 -1.58 -3.32
N LYS A 12 -9.13 -0.85 -2.38
CA LYS A 12 -8.39 0.06 -1.51
C LYS A 12 -8.10 -0.60 -0.17
N CYS A 13 -7.08 -0.10 0.53
CA CYS A 13 -6.71 -0.64 1.83
C CYS A 13 -7.14 0.32 2.95
N PRO A 14 -7.26 -0.23 4.17
CA PRO A 14 -7.66 0.56 5.35
C PRO A 14 -6.57 1.54 5.78
N ASN A 15 -6.81 2.22 6.90
CA ASN A 15 -5.85 3.19 7.43
C ASN A 15 -4.73 2.48 8.18
N CYS A 16 -3.70 3.23 8.55
CA CYS A 16 -2.56 2.69 9.27
C CYS A 16 -1.79 1.69 8.41
N LEU A 17 -2.09 1.69 7.11
CA LEU A 17 -1.43 0.80 6.17
C LEU A 17 -0.98 1.55 4.93
N CYS A 18 -0.02 0.98 4.21
CA CYS A 18 0.50 1.59 2.99
C CYS A 18 0.30 0.67 1.79
N CYS A 19 -0.15 1.24 0.67
CA CYS A 19 -0.38 0.46 -0.54
C CYS A 19 0.75 0.68 -1.54
N GLY A 20 1.56 -0.37 -1.74
CA GLY A 20 2.68 -0.27 -2.66
C GLY A 20 2.22 -0.13 -4.10
N LYS A 21 2.89 0.74 -4.85
CA LYS A 21 2.55 0.98 -6.24
C LYS A 21 2.33 -0.34 -6.98
N TYR A 22 3.03 -1.38 -6.54
CA TYR A 22 2.91 -2.70 -7.15
C TYR A 22 1.72 -3.46 -6.58
N GLY A 23 0.63 -2.73 -6.34
CA GLY A 23 -0.57 -3.35 -5.81
C GLY A 23 -0.27 -4.27 -4.64
N PHE A 24 0.59 -3.82 -3.73
CA PHE A 24 0.97 -4.61 -2.57
C PHE A 24 0.85 -3.79 -1.29
N CYS A 25 -0.19 -4.05 -0.52
CA CYS A 25 -0.42 -3.33 0.74
C CYS A 25 0.32 -4.01 1.89
N GLY A 26 1.17 -3.24 2.57
CA GLY A 26 1.92 -3.78 3.69
C GLY A 26 2.19 -2.74 4.76
N SER A 27 3.22 -2.99 5.57
CA SER A 27 3.58 -2.07 6.64
C SER A 27 5.09 -1.83 6.67
N GLY A 28 5.55 -1.09 7.68
CA GLY A 28 6.97 -0.80 7.79
C GLY A 28 7.43 0.21 6.77
N ASP A 29 8.57 0.86 7.05
CA ASP A 29 9.13 1.86 6.15
C ASP A 29 9.52 1.23 4.82
N ALA A 30 9.64 -0.10 4.80
CA ALA A 30 10.02 -0.82 3.60
C ALA A 30 8.99 -0.60 2.49
N TYR A 31 7.72 -0.43 2.88
CA TYR A 31 6.66 -0.21 1.93
C TYR A 31 5.99 1.14 2.14
N CYS A 32 6.20 1.71 3.32
CA CYS A 32 5.64 3.00 3.67
C CYS A 32 6.57 4.14 3.26
N GLY A 33 7.86 3.83 3.17
CA GLY A 33 8.84 4.84 2.80
C GLY A 33 8.55 5.44 1.44
N ALA A 34 9.17 6.59 1.15
CA ALA A 34 8.98 7.26 -0.13
C ALA A 34 9.82 6.61 -1.23
N GLY A 35 9.16 5.95 -2.17
CA GLY A 35 9.85 5.30 -3.25
C GLY A 35 9.04 4.19 -3.89
N SER A 36 8.08 3.64 -3.13
CA SER A 36 7.23 2.57 -3.61
C SER A 36 5.80 2.75 -3.14
N CYS A 37 5.50 3.93 -2.61
CA CYS A 37 4.17 4.24 -2.13
C CYS A 37 3.30 4.85 -3.23
N GLN A 38 2.07 4.39 -3.34
CA GLN A 38 1.15 4.88 -4.35
C GLN A 38 -0.19 5.26 -3.74
N SER A 39 -0.75 4.36 -2.94
CA SER A 39 -2.03 4.59 -2.29
C SER A 39 -1.92 4.41 -0.78
N GLN A 40 -2.85 5.02 -0.05
CA GLN A 40 -2.85 4.92 1.41
C GLN A 40 -1.49 5.28 1.99
N CYS A 41 -0.93 6.40 1.51
CA CYS A 41 0.37 6.86 1.98
C CYS A 41 0.24 7.61 3.31
N ARG A 42 -0.17 6.89 4.34
CA ARG A 42 -0.33 7.49 5.67
C ARG A 42 -0.45 6.40 6.74
N GLY A 43 0.12 5.23 6.46
CA GLY A 43 0.07 4.14 7.41
C GLY A 43 0.95 4.37 8.62
N CYS A 44 0.98 3.41 9.52
CA CYS A 44 1.79 3.51 10.72
C CYS A 44 3.14 2.82 10.54
N ALA A 1 -0.02 -10.00 4.72
CA ALA A 1 0.00 -8.96 3.70
C ALA A 1 -1.29 -8.98 2.88
N GLN A 2 -1.59 -7.86 2.23
CA GLN A 2 -2.80 -7.74 1.41
C GLN A 2 -2.50 -7.04 0.09
N ARG A 3 -3.21 -7.43 -0.95
CA ARG A 3 -3.03 -6.84 -2.27
C ARG A 3 -4.06 -5.74 -2.52
N CYS A 4 -3.64 -4.69 -3.22
CA CYS A 4 -4.52 -3.58 -3.53
C CYS A 4 -4.27 -3.06 -4.94
N GLY A 5 -4.93 -1.96 -5.30
CA GLY A 5 -4.77 -1.38 -6.62
C GLY A 5 -5.20 -2.32 -7.73
N ASP A 6 -4.57 -2.20 -8.88
CA ASP A 6 -4.90 -3.04 -10.03
C ASP A 6 -4.71 -4.52 -9.69
N GLN A 7 -3.92 -4.78 -8.65
CA GLN A 7 -3.66 -6.16 -8.23
C GLN A 7 -4.81 -6.68 -7.37
N ALA A 8 -5.80 -5.84 -7.14
CA ALA A 8 -6.95 -6.22 -6.32
C ALA A 8 -8.25 -5.66 -6.92
N ARG A 9 -8.31 -5.63 -8.25
CA ARG A 9 -9.49 -5.12 -8.94
C ARG A 9 -9.80 -3.69 -8.52
N GLY A 10 -8.75 -2.94 -8.15
CA GLY A 10 -8.94 -1.56 -7.72
C GLY A 10 -9.41 -1.46 -6.29
N ALA A 11 -9.06 -2.46 -5.48
CA ALA A 11 -9.45 -2.48 -4.08
C ALA A 11 -8.55 -1.56 -3.25
N LYS A 12 -9.15 -0.84 -2.32
CA LYS A 12 -8.41 0.09 -1.47
C LYS A 12 -8.12 -0.56 -0.11
N CYS A 13 -7.09 -0.06 0.57
CA CYS A 13 -6.71 -0.58 1.87
C CYS A 13 -7.11 0.38 2.98
N PRO A 14 -7.24 -0.14 4.22
CA PRO A 14 -7.62 0.66 5.38
C PRO A 14 -6.53 1.63 5.80
N ASN A 15 -6.75 2.32 6.91
CA ASN A 15 -5.79 3.29 7.42
C ASN A 15 -4.66 2.59 8.17
N CYS A 16 -3.63 3.35 8.53
CA CYS A 16 -2.49 2.81 9.25
C CYS A 16 -1.72 1.80 8.38
N LEU A 17 -2.04 1.78 7.09
CA LEU A 17 -1.38 0.88 6.17
C LEU A 17 -0.94 1.62 4.90
N CYS A 18 0.00 1.03 4.17
CA CYS A 18 0.52 1.63 2.95
C CYS A 18 0.31 0.70 1.76
N CYS A 19 -0.15 1.25 0.65
CA CYS A 19 -0.39 0.46 -0.55
C CYS A 19 0.74 0.66 -1.57
N GLY A 20 1.54 -0.38 -1.76
CA GLY A 20 2.65 -0.31 -2.69
C GLY A 20 2.19 -0.18 -4.12
N LYS A 21 2.85 0.68 -4.89
CA LYS A 21 2.50 0.90 -6.29
C LYS A 21 2.27 -0.43 -7.01
N TYR A 22 2.98 -1.47 -6.56
CA TYR A 22 2.84 -2.78 -7.17
C TYR A 22 1.64 -3.53 -6.58
N GLY A 23 0.56 -2.80 -6.33
CA GLY A 23 -0.63 -3.40 -5.78
C GLY A 23 -0.33 -4.31 -4.61
N PHE A 24 0.54 -3.85 -3.71
CA PHE A 24 0.92 -4.63 -2.54
C PHE A 24 0.82 -3.79 -1.27
N CYS A 25 -0.22 -4.05 -0.48
CA CYS A 25 -0.43 -3.31 0.76
C CYS A 25 0.30 -3.98 1.92
N GLY A 26 1.17 -3.21 2.58
CA GLY A 26 1.92 -3.75 3.70
C GLY A 26 2.21 -2.70 4.75
N SER A 27 3.24 -2.94 5.57
CA SER A 27 3.61 -2.00 6.62
C SER A 27 5.12 -1.78 6.64
N GLY A 28 5.60 -1.04 7.63
CA GLY A 28 7.01 -0.75 7.73
C GLY A 28 7.49 0.25 6.69
N ASP A 29 8.62 0.89 6.97
CA ASP A 29 9.17 1.88 6.04
C ASP A 29 9.56 1.23 4.72
N ALA A 30 9.67 -0.09 4.72
CA ALA A 30 10.03 -0.83 3.52
C ALA A 30 9.00 -0.62 2.42
N TYR A 31 7.75 -0.43 2.81
CA TYR A 31 6.66 -0.22 1.86
C TYR A 31 6.00 1.14 2.08
N CYS A 32 6.23 1.73 3.25
CA CYS A 32 5.67 3.02 3.57
C CYS A 32 6.61 4.15 3.15
N GLY A 33 7.89 3.83 3.05
CA GLY A 33 8.87 4.83 2.67
C GLY A 33 8.58 5.42 1.30
N ALA A 34 9.20 6.55 1.00
CA ALA A 34 9.01 7.22 -0.28
C ALA A 34 9.84 6.56 -1.38
N GLY A 35 9.16 5.89 -2.31
CA GLY A 35 9.85 5.22 -3.40
C GLY A 35 9.02 4.11 -4.01
N SER A 36 8.08 3.58 -3.23
CA SER A 36 7.22 2.50 -3.71
C SER A 36 5.79 2.70 -3.23
N CYS A 37 5.50 3.88 -2.71
CA CYS A 37 4.16 4.20 -2.22
C CYS A 37 3.30 4.80 -3.32
N GLN A 38 2.06 4.34 -3.41
CA GLN A 38 1.14 4.83 -4.42
C GLN A 38 -0.20 5.23 -3.81
N SER A 39 -0.76 4.33 -2.99
CA SER A 39 -2.03 4.59 -2.34
C SER A 39 -1.91 4.42 -0.83
N GLN A 40 -2.83 5.04 -0.10
CA GLN A 40 -2.82 4.94 1.36
C GLN A 40 -1.46 5.32 1.93
N CYS A 41 -0.90 6.42 1.43
CA CYS A 41 0.41 6.88 1.89
C CYS A 41 0.29 7.64 3.20
N ARG A 42 -0.11 6.93 4.25
CA ARG A 42 -0.26 7.54 5.57
C ARG A 42 -0.37 6.47 6.65
N GLY A 43 0.20 5.30 6.39
CA GLY A 43 0.15 4.21 7.34
C GLY A 43 1.04 4.46 8.54
N CYS A 44 1.08 3.50 9.46
CA CYS A 44 1.89 3.62 10.67
C CYS A 44 3.24 2.92 10.48
N ALA A 1 -0.07 -9.14 5.16
CA ALA A 1 0.19 -9.01 3.72
C ALA A 1 -1.11 -9.04 2.93
N GLN A 2 -1.43 -7.93 2.28
CA GLN A 2 -2.65 -7.84 1.48
C GLN A 2 -2.37 -7.13 0.15
N ARG A 3 -3.09 -7.52 -0.89
CA ARG A 3 -2.91 -6.94 -2.21
C ARG A 3 -3.97 -5.85 -2.46
N CYS A 4 -3.57 -4.79 -3.16
CA CYS A 4 -4.48 -3.69 -3.46
C CYS A 4 -4.23 -3.17 -4.87
N GLY A 5 -4.93 -2.09 -5.22
CA GLY A 5 -4.78 -1.51 -6.54
C GLY A 5 -5.25 -2.43 -7.64
N ASP A 6 -4.63 -2.33 -8.81
CA ASP A 6 -4.99 -3.17 -9.94
C ASP A 6 -4.83 -4.65 -9.60
N GLN A 7 -4.03 -4.94 -8.59
CA GLN A 7 -3.80 -6.31 -8.16
C GLN A 7 -4.94 -6.81 -7.29
N ALA A 8 -5.91 -5.93 -7.04
CA ALA A 8 -7.06 -6.28 -6.21
C ALA A 8 -8.35 -5.73 -6.80
N ARG A 9 -8.41 -5.68 -8.12
CA ARG A 9 -9.60 -5.18 -8.81
C ARG A 9 -9.88 -3.73 -8.41
N GLY A 10 -8.82 -2.99 -8.09
CA GLY A 10 -8.98 -1.61 -7.68
C GLY A 10 -9.40 -1.47 -6.24
N ALA A 11 -9.11 -2.48 -5.43
CA ALA A 11 -9.47 -2.46 -4.02
C ALA A 11 -8.52 -1.58 -3.22
N LYS A 12 -9.07 -0.84 -2.27
CA LYS A 12 -8.26 0.05 -1.44
C LYS A 12 -7.99 -0.58 -0.07
N CYS A 13 -6.96 -0.10 0.60
CA CYS A 13 -6.60 -0.61 1.92
C CYS A 13 -7.01 0.35 3.02
N PRO A 14 -7.14 -0.16 4.25
CA PRO A 14 -7.52 0.64 5.42
C PRO A 14 -6.42 1.61 5.84
N ASN A 15 -6.65 2.32 6.94
CA ASN A 15 -5.68 3.27 7.45
C ASN A 15 -4.55 2.57 8.20
N CYS A 16 -3.52 3.32 8.55
CA CYS A 16 -2.37 2.76 9.27
C CYS A 16 -1.62 1.77 8.40
N LEU A 17 -1.94 1.75 7.12
CA LEU A 17 -1.28 0.84 6.18
C LEU A 17 -0.86 1.58 4.90
N CYS A 18 0.08 0.98 4.17
CA CYS A 18 0.57 1.59 2.95
C CYS A 18 0.37 0.65 1.77
N CYS A 19 -0.11 1.20 0.65
CA CYS A 19 -0.35 0.40 -0.55
C CYS A 19 0.76 0.61 -1.57
N GLY A 20 1.58 -0.42 -1.76
CA GLY A 20 2.69 -0.34 -2.71
C GLY A 20 2.20 -0.21 -4.14
N LYS A 21 2.85 0.65 -4.92
CA LYS A 21 2.48 0.86 -6.31
C LYS A 21 2.26 -0.47 -7.02
N TYR A 22 2.98 -1.51 -6.58
CA TYR A 22 2.86 -2.82 -7.18
C TYR A 22 1.67 -3.58 -6.58
N GLY A 23 0.59 -2.86 -6.32
CA GLY A 23 -0.60 -3.48 -5.76
C GLY A 23 -0.28 -4.38 -4.58
N PHE A 24 0.60 -3.92 -3.70
CA PHE A 24 0.99 -4.69 -2.54
C PHE A 24 0.90 -3.84 -1.26
N CYS A 25 -0.13 -4.11 -0.47
CA CYS A 25 -0.34 -3.37 0.77
C CYS A 25 0.42 -4.02 1.93
N GLY A 26 1.27 -3.24 2.59
CA GLY A 26 2.04 -3.76 3.69
C GLY A 26 2.34 -2.71 4.75
N SER A 27 3.37 -2.93 5.54
CA SER A 27 3.74 -2.00 6.60
C SER A 27 5.25 -1.76 6.59
N GLY A 28 5.72 -1.00 7.58
CA GLY A 28 7.15 -0.70 7.68
C GLY A 28 7.60 0.30 6.62
N ASP A 29 8.73 0.95 6.87
CA ASP A 29 9.27 1.93 5.94
C ASP A 29 9.63 1.29 4.61
N ALA A 30 9.76 -0.04 4.63
CA ALA A 30 10.11 -0.78 3.42
C ALA A 30 9.06 -0.58 2.33
N TYR A 31 7.81 -0.41 2.74
CA TYR A 31 6.72 -0.20 1.79
C TYR A 31 6.06 1.16 2.01
N CYS A 32 6.30 1.74 3.18
CA CYS A 32 5.73 3.05 3.52
C CYS A 32 6.64 4.18 3.07
N GLY A 33 7.93 3.87 2.96
CA GLY A 33 8.90 4.87 2.54
C GLY A 33 8.59 5.46 1.18
N ALA A 34 9.19 6.60 0.88
CA ALA A 34 8.98 7.26 -0.40
C ALA A 34 9.80 6.61 -1.51
N GLY A 35 9.11 5.95 -2.43
CA GLY A 35 9.79 5.28 -3.53
C GLY A 35 8.97 4.15 -4.13
N SER A 36 8.05 3.61 -3.34
CA SER A 36 7.20 2.52 -3.79
C SER A 36 5.77 2.71 -3.30
N CYS A 37 5.47 3.89 -2.78
CA CYS A 37 4.14 4.20 -2.28
C CYS A 37 3.26 4.77 -3.37
N GLN A 38 2.02 4.30 -3.44
CA GLN A 38 1.07 4.77 -4.45
C GLN A 38 -0.26 5.16 -3.80
N SER A 39 -0.79 4.27 -2.98
CA SER A 39 -2.06 4.51 -2.30
C SER A 39 -1.92 4.33 -0.79
N GLN A 40 -2.83 4.96 -0.05
CA GLN A 40 -2.80 4.88 1.41
C GLN A 40 -1.43 5.26 1.96
N CYS A 41 -0.89 6.36 1.45
CA CYS A 41 0.42 6.84 1.89
C CYS A 41 0.31 7.59 3.21
N ARG A 42 -0.06 6.87 4.27
CA ARG A 42 -0.20 7.47 5.59
C ARG A 42 -0.28 6.40 6.66
N GLY A 43 0.29 5.23 6.38
CA GLY A 43 0.27 4.14 7.33
C GLY A 43 1.16 4.40 8.54
N CYS A 44 1.18 3.47 9.48
CA CYS A 44 1.98 3.60 10.68
C CYS A 44 3.34 2.92 10.50
N ALA A 1 0.04 -9.76 5.07
CA ALA A 1 0.16 -8.96 3.85
C ALA A 1 -1.12 -9.01 3.03
N GLN A 2 -1.44 -7.90 2.37
CA GLN A 2 -2.65 -7.82 1.55
C GLN A 2 -2.36 -7.12 0.24
N ARG A 3 -3.06 -7.53 -0.82
CA ARG A 3 -2.89 -6.95 -2.14
C ARG A 3 -3.94 -5.88 -2.41
N CYS A 4 -3.54 -4.83 -3.11
CA CYS A 4 -4.44 -3.73 -3.44
C CYS A 4 -4.20 -3.22 -4.85
N GLY A 5 -4.89 -2.14 -5.22
CA GLY A 5 -4.74 -1.57 -6.55
C GLY A 5 -5.19 -2.52 -7.64
N ASP A 6 -4.56 -2.42 -8.80
CA ASP A 6 -4.90 -3.27 -9.94
C ASP A 6 -4.74 -4.74 -9.58
N GLN A 7 -3.94 -5.02 -8.56
CA GLN A 7 -3.71 -6.39 -8.12
C GLN A 7 -4.86 -6.89 -7.25
N ALA A 8 -5.83 -6.02 -7.01
CA ALA A 8 -6.99 -6.37 -6.19
C ALA A 8 -8.28 -5.83 -6.80
N ARG A 9 -8.33 -5.80 -8.13
CA ARG A 9 -9.50 -5.30 -8.83
C ARG A 9 -9.81 -3.86 -8.45
N GLY A 10 -8.76 -3.11 -8.12
CA GLY A 10 -8.92 -1.72 -7.73
C GLY A 10 -9.37 -1.57 -6.29
N ALA A 11 -9.08 -2.57 -5.46
CA ALA A 11 -9.46 -2.55 -4.06
C ALA A 11 -8.52 -1.65 -3.26
N LYS A 12 -9.09 -0.90 -2.32
CA LYS A 12 -8.29 -0.01 -1.48
C LYS A 12 -8.03 -0.63 -0.11
N CYS A 13 -7.01 -0.13 0.57
CA CYS A 13 -6.66 -0.64 1.90
C CYS A 13 -7.09 0.35 2.99
N PRO A 14 -7.23 -0.17 4.22
CA PRO A 14 -7.64 0.65 5.37
C PRO A 14 -6.54 1.62 5.80
N ASN A 15 -6.79 2.34 6.89
CA ASN A 15 -5.83 3.31 7.40
C ASN A 15 -4.72 2.61 8.17
N CYS A 16 -3.70 3.37 8.53
CA CYS A 16 -2.56 2.83 9.28
C CYS A 16 -1.78 1.83 8.43
N LEU A 17 -2.08 1.80 7.13
CA LEU A 17 -1.40 0.89 6.21
C LEU A 17 -0.97 1.62 4.95
N CYS A 18 -0.01 1.04 4.24
CA CYS A 18 0.49 1.63 3.00
C CYS A 18 0.30 0.68 1.83
N CYS A 19 -0.17 1.22 0.71
CA CYS A 19 -0.39 0.42 -0.49
C CYS A 19 0.72 0.63 -1.50
N GLY A 20 1.57 -0.40 -1.67
CA GLY A 20 2.67 -0.31 -2.61
C GLY A 20 2.20 -0.19 -4.04
N LYS A 21 2.85 0.67 -4.81
CA LYS A 21 2.49 0.87 -6.21
C LYS A 21 2.29 -0.46 -6.91
N TYR A 22 3.02 -1.49 -6.46
CA TYR A 22 2.92 -2.82 -7.05
C TYR A 22 1.73 -3.58 -6.47
N GLY A 23 0.63 -2.87 -6.24
CA GLY A 23 -0.55 -3.50 -5.67
C GLY A 23 -0.23 -4.39 -4.49
N PHE A 24 0.63 -3.92 -3.61
CA PHE A 24 1.02 -4.67 -2.43
C PHE A 24 0.90 -3.83 -1.17
N CYS A 25 -0.13 -4.09 -0.38
CA CYS A 25 -0.37 -3.34 0.85
C CYS A 25 0.37 -3.99 2.02
N GLY A 26 1.22 -3.20 2.68
CA GLY A 26 1.99 -3.71 3.81
C GLY A 26 2.26 -2.64 4.85
N SER A 27 3.29 -2.86 5.66
CA SER A 27 3.64 -1.92 6.72
C SER A 27 5.15 -1.66 6.73
N GLY A 28 5.61 -0.89 7.72
CA GLY A 28 7.02 -0.58 7.82
C GLY A 28 7.47 0.41 6.78
N ASP A 29 8.60 1.07 7.04
CA ASP A 29 9.14 2.06 6.12
C ASP A 29 9.53 1.41 4.80
N ALA A 30 9.67 0.09 4.82
CA ALA A 30 10.06 -0.66 3.62
C ALA A 30 9.02 -0.47 2.52
N TYR A 31 7.77 -0.31 2.91
CA TYR A 31 6.68 -0.12 1.94
C TYR A 31 6.00 1.22 2.14
N CYS A 32 6.22 1.82 3.30
CA CYS A 32 5.62 3.12 3.62
C CYS A 32 6.54 4.25 3.18
N GLY A 33 7.83 3.96 3.09
CA GLY A 33 8.79 4.97 2.69
C GLY A 33 8.50 5.54 1.31
N ALA A 34 9.10 6.68 0.99
CA ALA A 34 8.89 7.33 -0.29
C ALA A 34 9.73 6.66 -1.38
N GLY A 35 9.04 6.04 -2.34
CA GLY A 35 9.74 5.37 -3.43
C GLY A 35 8.93 4.24 -4.02
N SER A 36 8.01 3.70 -3.23
CA SER A 36 7.17 2.59 -3.67
C SER A 36 5.74 2.76 -3.19
N CYS A 37 5.42 3.95 -2.68
CA CYS A 37 4.10 4.24 -2.18
C CYS A 37 3.21 4.81 -3.27
N GLN A 38 1.98 4.31 -3.35
CA GLN A 38 1.03 4.77 -4.37
C GLN A 38 -0.29 5.17 -3.73
N SER A 39 -0.85 4.27 -2.91
CA SER A 39 -2.12 4.53 -2.25
C SER A 39 -1.99 4.36 -0.74
N GLN A 40 -2.89 5.00 0.00
CA GLN A 40 -2.87 4.91 1.45
C GLN A 40 -1.50 5.30 2.01
N CYS A 41 -0.96 6.41 1.51
CA CYS A 41 0.34 6.89 1.96
C CYS A 41 0.23 7.65 3.27
N ARG A 42 -0.15 6.93 4.33
CA ARG A 42 -0.31 7.53 5.65
C ARG A 42 -0.40 6.46 6.73
N GLY A 43 0.18 5.30 6.44
CA GLY A 43 0.14 4.21 7.40
C GLY A 43 1.01 4.48 8.62
N CYS A 44 1.00 3.54 9.56
CA CYS A 44 1.79 3.69 10.79
C CYS A 44 3.15 3.00 10.64
N ALA A 1 -0.23 -9.67 5.00
CA ALA A 1 -0.06 -8.94 3.74
C ALA A 1 -1.34 -8.97 2.92
N GLN A 2 -1.63 -7.85 2.25
CA GLN A 2 -2.82 -7.75 1.43
C GLN A 2 -2.52 -7.06 0.09
N ARG A 3 -3.23 -7.46 -0.95
CA ARG A 3 -3.03 -6.89 -2.28
C ARG A 3 -4.06 -5.80 -2.55
N CYS A 4 -3.63 -4.76 -3.26
CA CYS A 4 -4.50 -3.65 -3.59
C CYS A 4 -4.23 -3.14 -5.00
N GLY A 5 -4.90 -2.06 -5.38
CA GLY A 5 -4.71 -1.49 -6.70
C GLY A 5 -5.18 -2.42 -7.80
N ASP A 6 -4.54 -2.34 -8.96
CA ASP A 6 -4.89 -3.18 -10.10
C ASP A 6 -4.77 -4.65 -9.74
N GLN A 7 -3.98 -4.95 -8.71
CA GLN A 7 -3.77 -6.31 -8.26
C GLN A 7 -4.93 -6.79 -7.41
N ALA A 8 -5.89 -5.90 -7.17
CA ALA A 8 -7.06 -6.24 -6.36
C ALA A 8 -8.34 -5.67 -6.98
N ARG A 9 -8.38 -5.64 -8.30
CA ARG A 9 -9.54 -5.12 -9.01
C ARG A 9 -9.81 -3.67 -8.63
N GLY A 10 -8.75 -2.94 -8.29
CA GLY A 10 -8.90 -1.55 -7.90
C GLY A 10 -9.35 -1.40 -6.46
N ALA A 11 -9.07 -2.40 -5.65
CA ALA A 11 -9.46 -2.36 -4.24
C ALA A 11 -8.52 -1.48 -3.43
N LYS A 12 -9.08 -0.72 -2.50
CA LYS A 12 -8.29 0.16 -1.66
C LYS A 12 -8.04 -0.46 -0.28
N CYS A 13 -7.01 0.03 0.41
CA CYS A 13 -6.67 -0.49 1.72
C CYS A 13 -7.08 0.51 2.82
N PRO A 14 -7.23 0.00 4.05
CA PRO A 14 -7.61 0.83 5.20
C PRO A 14 -6.51 1.78 5.62
N ASN A 15 -6.74 2.51 6.71
CA ASN A 15 -5.76 3.46 7.22
C ASN A 15 -4.66 2.74 8.00
N CYS A 16 -3.62 3.49 8.36
CA CYS A 16 -2.50 2.92 9.10
C CYS A 16 -1.74 1.90 8.25
N LEU A 17 -2.04 1.87 6.96
CA LEU A 17 -1.39 0.95 6.05
C LEU A 17 -0.93 1.66 4.78
N CYS A 18 0.01 1.05 4.07
CA CYS A 18 0.53 1.63 2.83
C CYS A 18 0.33 0.67 1.66
N CYS A 19 -0.13 1.22 0.54
CA CYS A 19 -0.37 0.42 -0.66
C CYS A 19 0.78 0.60 -1.67
N GLY A 20 1.58 -0.45 -1.82
CA GLY A 20 2.69 -0.40 -2.75
C GLY A 20 2.24 -0.28 -4.19
N LYS A 21 2.92 0.56 -4.96
CA LYS A 21 2.58 0.76 -6.36
C LYS A 21 2.35 -0.58 -7.06
N TYR A 22 3.04 -1.61 -6.61
CA TYR A 22 2.90 -2.94 -7.18
C TYR A 22 1.70 -3.66 -6.61
N GLY A 23 0.62 -2.92 -6.38
CA GLY A 23 -0.58 -3.51 -5.83
C GLY A 23 -0.30 -4.41 -4.63
N PHE A 24 0.57 -3.94 -3.74
CA PHE A 24 0.93 -4.72 -2.56
C PHE A 24 0.83 -3.85 -1.30
N CYS A 25 -0.23 -4.09 -0.52
CA CYS A 25 -0.44 -3.34 0.71
C CYS A 25 0.29 -3.99 1.89
N GLY A 26 1.15 -3.21 2.54
CA GLY A 26 1.90 -3.73 3.68
C GLY A 26 2.19 -2.68 4.71
N SER A 27 3.20 -2.91 5.53
CA SER A 27 3.59 -1.97 6.59
C SER A 27 5.10 -1.74 6.60
N GLY A 28 5.56 -1.00 7.59
CA GLY A 28 6.99 -0.71 7.69
C GLY A 28 7.47 0.26 6.64
N ASP A 29 8.60 0.89 6.91
CA ASP A 29 9.17 1.86 5.97
C ASP A 29 9.55 1.19 4.66
N ALA A 30 9.65 -0.13 4.68
CA ALA A 30 10.01 -0.90 3.49
C ALA A 30 8.99 -0.69 2.38
N TYR A 31 7.73 -0.48 2.77
CA TYR A 31 6.66 -0.28 1.80
C TYR A 31 6.02 1.09 2.00
N CYS A 32 6.24 1.69 3.16
CA CYS A 32 5.69 3.01 3.47
C CYS A 32 6.64 4.11 3.04
N GLY A 33 7.93 3.78 2.95
CA GLY A 33 8.91 4.76 2.54
C GLY A 33 8.64 5.33 1.17
N ALA A 34 9.28 6.46 0.86
CA ALA A 34 9.10 7.11 -0.42
C ALA A 34 9.92 6.42 -1.52
N GLY A 35 9.24 5.78 -2.45
CA GLY A 35 9.92 5.09 -3.53
C GLY A 35 9.09 3.98 -4.12
N SER A 36 8.14 3.46 -3.34
CA SER A 36 7.29 2.37 -3.80
C SER A 36 5.85 2.59 -3.31
N CYS A 37 5.57 3.78 -2.81
CA CYS A 37 4.23 4.12 -2.33
C CYS A 37 3.37 4.69 -3.45
N GLN A 38 2.13 4.24 -3.52
CA GLN A 38 1.21 4.71 -4.56
C GLN A 38 -0.11 5.14 -3.94
N SER A 39 -0.69 4.28 -3.11
CA SER A 39 -1.96 4.57 -2.46
C SER A 39 -1.85 4.40 -0.95
N GLN A 40 -2.72 5.08 -0.22
CA GLN A 40 -2.72 5.00 1.24
C GLN A 40 -1.34 5.36 1.80
N CYS A 41 -0.77 6.45 1.31
CA CYS A 41 0.54 6.90 1.76
C CYS A 41 0.43 7.67 3.07
N ARG A 42 0.02 6.97 4.12
CA ARG A 42 -0.13 7.59 5.43
C ARG A 42 -0.26 6.53 6.53
N GLY A 43 0.28 5.34 6.26
CA GLY A 43 0.20 4.26 7.23
C GLY A 43 1.08 4.50 8.44
N CYS A 44 1.07 3.55 9.37
CA CYS A 44 1.87 3.67 10.58
C CYS A 44 3.21 2.96 10.44
N ALA A 1 -0.16 -8.47 4.87
CA ALA A 1 0.08 -8.98 3.54
C ALA A 1 -1.20 -9.01 2.72
N GLN A 2 -1.50 -7.89 2.06
CA GLN A 2 -2.70 -7.78 1.23
C GLN A 2 -2.39 -7.07 -0.08
N ARG A 3 -3.11 -7.46 -1.13
CA ARG A 3 -2.91 -6.86 -2.45
C ARG A 3 -3.95 -5.77 -2.71
N CYS A 4 -3.53 -4.72 -3.40
CA CYS A 4 -4.42 -3.60 -3.71
C CYS A 4 -4.16 -3.08 -5.12
N GLY A 5 -4.84 -1.99 -5.47
CA GLY A 5 -4.67 -1.41 -6.79
C GLY A 5 -5.15 -2.32 -7.89
N ASP A 6 -4.51 -2.22 -9.06
CA ASP A 6 -4.89 -3.05 -10.20
C ASP A 6 -4.77 -4.53 -9.87
N GLN A 7 -3.97 -4.83 -8.86
CA GLN A 7 -3.76 -6.22 -8.44
C GLN A 7 -4.92 -6.70 -7.57
N ALA A 8 -5.87 -5.81 -7.31
CA ALA A 8 -7.03 -6.14 -6.49
C ALA A 8 -8.30 -5.57 -7.09
N ARG A 9 -8.36 -5.52 -8.42
CA ARG A 9 -9.52 -4.99 -9.11
C ARG A 9 -9.80 -3.55 -8.71
N GLY A 10 -8.72 -2.82 -8.38
CA GLY A 10 -8.87 -1.43 -7.98
C GLY A 10 -9.30 -1.29 -6.55
N ALA A 11 -9.03 -2.31 -5.74
CA ALA A 11 -9.41 -2.29 -4.32
C ALA A 11 -8.44 -1.43 -3.51
N LYS A 12 -8.98 -0.67 -2.57
CA LYS A 12 -8.17 0.21 -1.74
C LYS A 12 -7.92 -0.44 -0.37
N CYS A 13 -6.89 0.03 0.32
CA CYS A 13 -6.56 -0.49 1.64
C CYS A 13 -6.96 0.50 2.74
N PRO A 14 -7.12 -0.03 3.97
CA PRO A 14 -7.50 0.79 5.13
C PRO A 14 -6.39 1.74 5.56
N ASN A 15 -6.62 2.45 6.66
CA ASN A 15 -5.64 3.39 7.18
C ASN A 15 -4.53 2.67 7.94
N CYS A 16 -3.49 3.41 8.31
CA CYS A 16 -2.37 2.83 9.04
C CYS A 16 -1.62 1.82 8.19
N LEU A 17 -1.92 1.81 6.89
CA LEU A 17 -1.27 0.89 5.97
C LEU A 17 -0.82 1.61 4.70
N CYS A 18 0.12 1.02 3.98
CA CYS A 18 0.64 1.60 2.75
C CYS A 18 0.43 0.66 1.57
N CYS A 19 -0.02 1.23 0.45
CA CYS A 19 -0.27 0.44 -0.76
C CYS A 19 0.87 0.62 -1.76
N GLY A 20 1.67 -0.43 -1.94
CA GLY A 20 2.78 -0.35 -2.87
C GLY A 20 2.32 -0.22 -4.31
N LYS A 21 2.99 0.63 -5.08
CA LYS A 21 2.64 0.85 -6.48
C LYS A 21 2.40 -0.49 -7.19
N TYR A 22 3.10 -1.53 -6.74
CA TYR A 22 2.96 -2.85 -7.33
C TYR A 22 1.77 -3.59 -6.75
N GLY A 23 0.69 -2.85 -6.51
CA GLY A 23 -0.51 -3.46 -5.95
C GLY A 23 -0.22 -4.35 -4.77
N PHE A 24 0.67 -3.90 -3.89
CA PHE A 24 1.03 -4.68 -2.72
C PHE A 24 0.93 -3.84 -1.45
N CYS A 25 -0.11 -4.08 -0.66
CA CYS A 25 -0.33 -3.34 0.58
C CYS A 25 0.41 -4.00 1.74
N GLY A 26 1.26 -3.24 2.40
CA GLY A 26 2.01 -3.77 3.53
C GLY A 26 2.30 -2.72 4.58
N SER A 27 3.32 -2.97 5.40
CA SER A 27 3.71 -2.04 6.45
C SER A 27 5.21 -1.81 6.46
N GLY A 28 5.69 -1.06 7.46
CA GLY A 28 7.11 -0.79 7.56
C GLY A 28 7.59 0.20 6.52
N ASP A 29 8.72 0.83 6.78
CA ASP A 29 9.29 1.81 5.86
C ASP A 29 9.67 1.14 4.54
N ALA A 30 9.77 -0.18 4.55
CA ALA A 30 10.12 -0.93 3.35
C ALA A 30 9.09 -0.71 2.24
N TYR A 31 7.83 -0.51 2.64
CA TYR A 31 6.76 -0.29 1.67
C TYR A 31 6.12 1.08 1.89
N CYS A 32 6.35 1.66 3.05
CA CYS A 32 5.80 2.97 3.38
C CYS A 32 6.75 4.08 2.95
N GLY A 33 8.03 3.76 2.85
CA GLY A 33 9.02 4.74 2.46
C GLY A 33 8.73 5.34 1.09
N ALA A 34 9.36 6.47 0.80
CA ALA A 34 9.17 7.14 -0.49
C ALA A 34 9.98 6.47 -1.59
N GLY A 35 9.29 5.85 -2.54
CA GLY A 35 9.97 5.18 -3.63
C GLY A 35 9.15 4.06 -4.23
N SER A 36 8.20 3.53 -3.45
CA SER A 36 7.35 2.44 -3.91
C SER A 36 5.91 2.64 -3.43
N CYS A 37 5.63 3.84 -2.91
CA CYS A 37 4.30 4.16 -2.42
C CYS A 37 3.43 4.75 -3.53
N GLN A 38 2.19 4.30 -3.61
CA GLN A 38 1.26 4.78 -4.62
C GLN A 38 -0.07 5.18 -4.00
N SER A 39 -0.63 4.30 -3.18
CA SER A 39 -1.90 4.57 -2.52
C SER A 39 -1.78 4.39 -1.01
N GLN A 40 -2.67 5.03 -0.27
CA GLN A 40 -2.67 4.95 1.18
C GLN A 40 -1.30 5.31 1.75
N CYS A 41 -0.73 6.41 1.26
CA CYS A 41 0.57 6.86 1.71
C CYS A 41 0.47 7.61 3.03
N ARG A 42 0.08 6.90 4.07
CA ARG A 42 -0.07 7.50 5.39
C ARG A 42 -0.18 6.42 6.47
N GLY A 43 0.38 5.25 6.19
CA GLY A 43 0.33 4.16 7.14
C GLY A 43 1.20 4.41 8.36
N CYS A 44 1.19 3.47 9.30
CA CYS A 44 1.99 3.59 10.51
C CYS A 44 3.33 2.89 10.35
N ALA A 1 0.01 -8.38 4.99
CA ALA A 1 0.20 -9.01 3.68
C ALA A 1 -1.11 -9.07 2.90
N GLN A 2 -1.46 -7.96 2.27
CA GLN A 2 -2.68 -7.88 1.48
C GLN A 2 -2.45 -7.16 0.16
N ARG A 3 -3.18 -7.57 -0.87
CA ARG A 3 -3.04 -6.96 -2.19
C ARG A 3 -4.11 -5.90 -2.41
N CYS A 4 -3.75 -4.83 -3.11
CA CYS A 4 -4.68 -3.74 -3.39
C CYS A 4 -4.47 -3.21 -4.79
N GLY A 5 -5.18 -2.12 -5.12
CA GLY A 5 -5.05 -1.52 -6.44
C GLY A 5 -5.52 -2.45 -7.55
N ASP A 6 -4.90 -2.33 -8.71
CA ASP A 6 -5.27 -3.16 -9.86
C ASP A 6 -5.10 -4.65 -9.53
N GLN A 7 -4.28 -4.92 -8.51
CA GLN A 7 -4.03 -6.30 -8.10
C GLN A 7 -5.16 -6.82 -7.21
N ALA A 8 -6.14 -5.96 -6.95
CA ALA A 8 -7.27 -6.33 -6.12
C ALA A 8 -8.57 -5.78 -6.69
N ARG A 9 -8.67 -5.72 -8.01
CA ARG A 9 -9.86 -5.21 -8.67
C ARG A 9 -10.14 -3.77 -8.26
N GLY A 10 -9.08 -3.03 -7.95
CA GLY A 10 -9.23 -1.65 -7.54
C GLY A 10 -9.64 -1.51 -6.07
N ALA A 11 -9.32 -2.54 -5.29
CA ALA A 11 -9.66 -2.53 -3.87
C ALA A 11 -8.66 -1.69 -3.07
N LYS A 12 -9.18 -0.82 -2.21
CA LYS A 12 -8.35 0.04 -1.40
C LYS A 12 -8.09 -0.58 -0.03
N CYS A 13 -7.05 -0.09 0.65
CA CYS A 13 -6.70 -0.61 1.97
C CYS A 13 -7.10 0.39 3.06
N PRO A 14 -7.24 -0.12 4.30
CA PRO A 14 -7.61 0.70 5.45
C PRO A 14 -6.50 1.66 5.87
N ASN A 15 -6.73 2.37 6.97
CA ASN A 15 -5.73 3.32 7.47
C ASN A 15 -4.62 2.59 8.21
N CYS A 16 -3.58 3.34 8.57
CA CYS A 16 -2.43 2.77 9.27
C CYS A 16 -1.69 1.77 8.40
N LEU A 17 -2.01 1.76 7.11
CA LEU A 17 -1.37 0.86 6.17
C LEU A 17 -0.97 1.58 4.89
N CYS A 18 -0.04 1.00 4.15
CA CYS A 18 0.43 1.61 2.90
C CYS A 18 0.21 0.66 1.73
N CYS A 19 -0.28 1.20 0.62
CA CYS A 19 -0.55 0.40 -0.58
C CYS A 19 0.55 0.62 -1.61
N GLY A 20 1.38 -0.40 -1.81
CA GLY A 20 2.45 -0.29 -2.78
C GLY A 20 1.94 -0.19 -4.21
N LYS A 21 2.57 0.69 -4.99
CA LYS A 21 2.17 0.89 -6.37
C LYS A 21 1.94 -0.45 -7.08
N TYR A 22 2.70 -1.47 -6.66
CA TYR A 22 2.58 -2.79 -7.24
C TYR A 22 1.42 -3.56 -6.62
N GLY A 23 0.32 -2.86 -6.35
CA GLY A 23 -0.84 -3.49 -5.75
C GLY A 23 -0.49 -4.38 -4.59
N PHE A 24 0.41 -3.90 -3.73
CA PHE A 24 0.84 -4.67 -2.57
C PHE A 24 0.74 -3.83 -1.30
N CYS A 25 -0.27 -4.11 -0.48
CA CYS A 25 -0.47 -3.37 0.76
C CYS A 25 0.31 -4.01 1.91
N GLY A 26 1.17 -3.23 2.55
CA GLY A 26 1.96 -3.74 3.65
C GLY A 26 2.25 -2.68 4.69
N SER A 27 3.29 -2.89 5.49
CA SER A 27 3.67 -1.96 6.54
C SER A 27 5.17 -1.70 6.53
N GLY A 28 5.64 -0.95 7.51
CA GLY A 28 7.06 -0.64 7.59
C GLY A 28 7.51 0.35 6.54
N ASP A 29 8.63 1.00 6.78
CA ASP A 29 9.16 1.98 5.84
C ASP A 29 9.53 1.33 4.51
N ALA A 30 9.64 0.00 4.53
CA ALA A 30 9.98 -0.75 3.33
C ALA A 30 8.93 -0.55 2.24
N TYR A 31 7.68 -0.38 2.65
CA TYR A 31 6.58 -0.18 1.71
C TYR A 31 5.92 1.18 1.93
N CYS A 32 6.17 1.77 3.10
CA CYS A 32 5.60 3.07 3.42
C CYS A 32 6.52 4.20 2.97
N GLY A 33 7.81 3.89 2.87
CA GLY A 33 8.78 4.90 2.45
C GLY A 33 8.47 5.46 1.08
N ALA A 34 9.09 6.59 0.76
CA ALA A 34 8.87 7.25 -0.53
C ALA A 34 9.69 6.57 -1.62
N GLY A 35 9.00 5.88 -2.53
CA GLY A 35 9.67 5.20 -3.62
C GLY A 35 8.83 4.09 -4.21
N SER A 36 7.92 3.55 -3.42
CA SER A 36 7.04 2.47 -3.88
C SER A 36 5.63 2.67 -3.36
N CYS A 37 5.35 3.84 -2.81
CA CYS A 37 4.04 4.15 -2.28
C CYS A 37 3.13 4.76 -3.34
N GLN A 38 1.90 4.28 -3.42
CA GLN A 38 0.95 4.77 -4.41
C GLN A 38 -0.33 5.26 -3.73
N SER A 39 -0.92 4.39 -2.91
CA SER A 39 -2.14 4.74 -2.19
C SER A 39 -1.99 4.49 -0.69
N GLN A 40 -2.80 5.19 0.10
CA GLN A 40 -2.76 5.05 1.54
C GLN A 40 -1.37 5.37 2.08
N CYS A 41 -0.79 6.46 1.60
CA CYS A 41 0.54 6.87 2.03
C CYS A 41 0.47 7.61 3.36
N ARG A 42 0.08 6.90 4.41
CA ARG A 42 -0.02 7.48 5.74
C ARG A 42 -0.14 6.40 6.81
N GLY A 43 0.38 5.21 6.50
CA GLY A 43 0.33 4.11 7.44
C GLY A 43 1.20 4.33 8.65
N CYS A 44 1.19 3.38 9.57
CA CYS A 44 1.99 3.48 10.79
C CYS A 44 3.32 2.74 10.63
N ALA A 1 -0.02 -8.87 5.04
CA ALA A 1 0.26 -8.99 3.62
C ALA A 1 -1.02 -9.04 2.80
N GLN A 2 -1.37 -7.93 2.16
CA GLN A 2 -2.58 -7.87 1.35
C GLN A 2 -2.31 -7.13 0.04
N ARG A 3 -3.03 -7.54 -1.01
CA ARG A 3 -2.87 -6.93 -2.32
C ARG A 3 -3.93 -5.87 -2.57
N CYS A 4 -3.56 -4.80 -3.24
CA CYS A 4 -4.49 -3.71 -3.54
C CYS A 4 -4.25 -3.16 -4.95
N GLY A 5 -4.96 -2.09 -5.28
CA GLY A 5 -4.81 -1.48 -6.59
C GLY A 5 -5.25 -2.40 -7.71
N ASP A 6 -4.60 -2.27 -8.87
CA ASP A 6 -4.93 -3.11 -10.02
C ASP A 6 -4.77 -4.59 -9.69
N GLN A 7 -3.98 -4.87 -8.65
CA GLN A 7 -3.73 -6.25 -8.23
C GLN A 7 -4.87 -6.77 -7.37
N ALA A 8 -5.87 -5.92 -7.14
CA ALA A 8 -7.03 -6.29 -6.34
C ALA A 8 -8.32 -5.74 -6.93
N ARG A 9 -8.37 -5.68 -8.27
CA ARG A 9 -9.55 -5.18 -8.96
C ARG A 9 -9.84 -3.73 -8.56
N GLY A 10 -8.78 -2.99 -8.22
CA GLY A 10 -8.95 -1.60 -7.83
C GLY A 10 -9.39 -1.47 -6.38
N ALA A 11 -9.10 -2.49 -5.58
CA ALA A 11 -9.47 -2.49 -4.17
C ALA A 11 -8.50 -1.63 -3.36
N LYS A 12 -9.05 -0.83 -2.45
CA LYS A 12 -8.23 0.04 -1.61
C LYS A 12 -8.00 -0.59 -0.25
N CYS A 13 -6.98 -0.11 0.46
CA CYS A 13 -6.65 -0.62 1.79
C CYS A 13 -7.07 0.36 2.87
N PRO A 14 -7.24 -0.15 4.10
CA PRO A 14 -7.65 0.66 5.25
C PRO A 14 -6.56 1.62 5.70
N ASN A 15 -6.80 2.33 6.80
CA ASN A 15 -5.83 3.28 7.33
C ASN A 15 -4.73 2.56 8.09
N CYS A 16 -3.70 3.31 8.46
CA CYS A 16 -2.57 2.75 9.20
C CYS A 16 -1.80 1.76 8.34
N LEU A 17 -2.10 1.75 7.05
CA LEU A 17 -1.42 0.85 6.11
C LEU A 17 -0.99 1.60 4.85
N CYS A 18 -0.05 1.02 4.12
CA CYS A 18 0.44 1.63 2.89
C CYS A 18 0.26 0.69 1.70
N CYS A 19 -0.22 1.24 0.60
CA CYS A 19 -0.45 0.45 -0.61
C CYS A 19 0.67 0.68 -1.63
N GLY A 20 1.50 -0.33 -1.82
CA GLY A 20 2.61 -0.21 -2.77
C GLY A 20 2.13 -0.10 -4.20
N LYS A 21 2.75 0.78 -4.97
CA LYS A 21 2.38 0.98 -6.36
C LYS A 21 2.19 -0.35 -7.07
N TYR A 22 2.93 -1.36 -6.64
CA TYR A 22 2.84 -2.69 -7.23
C TYR A 22 1.67 -3.48 -6.64
N GLY A 23 0.57 -2.78 -6.39
CA GLY A 23 -0.61 -3.42 -5.83
C GLY A 23 -0.26 -4.32 -4.65
N PHE A 24 0.60 -3.84 -3.78
CA PHE A 24 1.02 -4.61 -2.60
C PHE A 24 0.89 -3.77 -1.34
N CYS A 25 -0.14 -4.06 -0.55
CA CYS A 25 -0.38 -3.33 0.70
C CYS A 25 0.38 -3.98 1.86
N GLY A 26 1.22 -3.19 2.52
CA GLY A 26 1.99 -3.70 3.64
C GLY A 26 2.25 -2.64 4.70
N SER A 27 3.27 -2.87 5.52
CA SER A 27 3.62 -1.94 6.58
C SER A 27 5.12 -1.66 6.60
N GLY A 28 5.57 -0.92 7.59
CA GLY A 28 6.99 -0.60 7.71
C GLY A 28 7.44 0.40 6.67
N ASP A 29 8.56 1.06 6.95
CA ASP A 29 9.11 2.06 6.02
C ASP A 29 9.50 1.40 4.70
N ALA A 30 9.63 0.08 4.71
CA ALA A 30 10.00 -0.66 3.51
C ALA A 30 8.97 -0.46 2.40
N TYR A 31 7.71 -0.30 2.79
CA TYR A 31 6.63 -0.10 1.83
C TYR A 31 5.96 1.24 2.03
N CYS A 32 6.17 1.83 3.20
CA CYS A 32 5.59 3.13 3.53
C CYS A 32 6.51 4.27 3.11
N GLY A 33 7.81 3.97 3.03
CA GLY A 33 8.78 4.97 2.64
C GLY A 33 8.50 5.55 1.27
N ALA A 34 9.11 6.69 0.97
CA ALA A 34 8.92 7.34 -0.32
C ALA A 34 9.77 6.69 -1.40
N GLY A 35 9.10 6.00 -2.33
CA GLY A 35 9.80 5.32 -3.41
C GLY A 35 8.98 4.21 -4.04
N SER A 36 8.05 3.67 -3.27
CA SER A 36 7.20 2.59 -3.75
C SER A 36 5.76 2.76 -3.25
N CYS A 37 5.47 3.93 -2.70
CA CYS A 37 4.14 4.23 -2.19
C CYS A 37 3.27 4.84 -3.28
N GLN A 38 2.03 4.34 -3.39
CA GLN A 38 1.10 4.84 -4.40
C GLN A 38 -0.20 5.32 -3.74
N SER A 39 -0.80 4.45 -2.93
CA SER A 39 -2.04 4.78 -2.25
C SER A 39 -1.92 4.52 -0.75
N GLN A 40 -2.76 5.21 0.03
CA GLN A 40 -2.75 5.05 1.48
C GLN A 40 -1.37 5.39 2.05
N CYS A 41 -0.78 6.49 1.58
CA CYS A 41 0.54 6.91 2.05
C CYS A 41 0.43 7.64 3.38
N ARG A 42 0.02 6.91 4.42
CA ARG A 42 -0.12 7.49 5.75
C ARG A 42 -0.25 6.39 6.80
N GLY A 43 0.29 5.22 6.50
CA GLY A 43 0.23 4.11 7.43
C GLY A 43 1.06 4.33 8.67
N CYS A 44 1.05 3.37 9.58
CA CYS A 44 1.82 3.47 10.82
C CYS A 44 3.15 2.75 10.68
N ALA A 1 0.06 -9.00 5.16
CA ALA A 1 0.36 -8.94 3.73
C ALA A 1 -0.92 -9.03 2.90
N GLN A 2 -1.26 -7.93 2.24
CA GLN A 2 -2.46 -7.88 1.41
C GLN A 2 -2.17 -7.17 0.08
N ARG A 3 -2.85 -7.60 -0.97
CA ARG A 3 -2.67 -7.00 -2.29
C ARG A 3 -3.75 -5.96 -2.57
N CYS A 4 -3.38 -4.90 -3.26
CA CYS A 4 -4.31 -3.83 -3.59
C CYS A 4 -4.04 -3.29 -5.00
N GLY A 5 -4.77 -2.24 -5.37
CA GLY A 5 -4.60 -1.65 -6.68
C GLY A 5 -5.00 -2.60 -7.80
N ASP A 6 -4.35 -2.47 -8.95
CA ASP A 6 -4.65 -3.33 -10.10
C ASP A 6 -4.44 -4.80 -9.74
N GLN A 7 -3.66 -5.05 -8.70
CA GLN A 7 -3.39 -6.41 -8.28
C GLN A 7 -4.52 -6.96 -7.42
N ALA A 8 -5.55 -6.12 -7.20
CA ALA A 8 -6.70 -6.51 -6.40
C ALA A 8 -7.99 -6.00 -7.03
N ARG A 9 -8.04 -5.96 -8.35
CA ARG A 9 -9.22 -5.48 -9.07
C ARG A 9 -9.56 -4.05 -8.65
N GLY A 10 -8.54 -3.28 -8.28
CA GLY A 10 -8.75 -1.91 -7.88
C GLY A 10 -9.23 -1.80 -6.43
N ALA A 11 -8.89 -2.80 -5.63
CA ALA A 11 -9.29 -2.81 -4.22
C ALA A 11 -8.38 -1.91 -3.39
N LYS A 12 -8.98 -1.08 -2.56
CA LYS A 12 -8.23 -0.17 -1.71
C LYS A 12 -7.99 -0.79 -0.33
N CYS A 13 -6.99 -0.26 0.37
CA CYS A 13 -6.65 -0.76 1.70
C CYS A 13 -7.11 0.20 2.78
N PRO A 14 -7.28 -0.31 4.01
CA PRO A 14 -7.70 0.50 5.15
C PRO A 14 -6.64 1.49 5.60
N ASN A 15 -6.91 2.20 6.70
CA ASN A 15 -5.98 3.18 7.23
C ASN A 15 -4.85 2.49 8.00
N CYS A 16 -3.85 3.27 8.38
CA CYS A 16 -2.71 2.74 9.14
C CYS A 16 -1.91 1.77 8.28
N LEU A 17 -2.19 1.75 6.99
CA LEU A 17 -1.49 0.85 6.06
C LEU A 17 -1.07 1.61 4.80
N CYS A 18 -0.09 1.05 4.09
CA CYS A 18 0.40 1.67 2.86
C CYS A 18 0.26 0.71 1.68
N CYS A 19 -0.22 1.23 0.56
CA CYS A 19 -0.41 0.43 -0.65
C CYS A 19 0.73 0.66 -1.64
N GLY A 20 1.61 -0.33 -1.77
CA GLY A 20 2.72 -0.21 -2.70
C GLY A 20 2.28 -0.12 -4.14
N LYS A 21 2.92 0.76 -4.90
CA LYS A 21 2.59 0.95 -6.31
C LYS A 21 2.43 -0.40 -7.00
N TYR A 22 3.17 -1.40 -6.54
CA TYR A 22 3.11 -2.73 -7.12
C TYR A 22 1.93 -3.52 -6.55
N GLY A 23 0.81 -2.83 -6.34
CA GLY A 23 -0.37 -3.48 -5.81
C GLY A 23 -0.06 -4.37 -4.62
N PHE A 24 0.78 -3.87 -3.71
CA PHE A 24 1.16 -4.62 -2.53
C PHE A 24 1.01 -3.78 -1.27
N CYS A 25 -0.03 -4.07 -0.49
CA CYS A 25 -0.29 -3.34 0.74
C CYS A 25 0.45 -3.96 1.91
N GLY A 26 1.26 -3.15 2.59
CA GLY A 26 2.03 -3.63 3.73
C GLY A 26 2.25 -2.56 4.77
N SER A 27 3.27 -2.76 5.60
CA SER A 27 3.58 -1.80 6.66
C SER A 27 5.08 -1.51 6.70
N GLY A 28 5.50 -0.73 7.69
CA GLY A 28 6.90 -0.39 7.81
C GLY A 28 7.36 0.61 6.77
N ASP A 29 8.46 1.29 7.05
CA ASP A 29 8.99 2.28 6.11
C ASP A 29 9.42 1.63 4.81
N ALA A 30 9.56 0.31 4.83
CA ALA A 30 9.96 -0.45 3.65
C ALA A 30 8.95 -0.28 2.52
N TYR A 31 7.68 -0.13 2.90
CA TYR A 31 6.61 0.04 1.92
C TYR A 31 5.91 1.38 2.10
N CYS A 32 6.09 1.99 3.28
CA CYS A 32 5.48 3.27 3.58
C CYS A 32 6.40 4.42 3.17
N GLY A 33 7.70 4.14 3.11
CA GLY A 33 8.65 5.16 2.74
C GLY A 33 8.39 5.73 1.35
N ALA A 34 8.99 6.88 1.06
CA ALA A 34 8.82 7.52 -0.24
C ALA A 34 9.68 6.87 -1.30
N GLY A 35 9.04 6.19 -2.26
CA GLY A 35 9.78 5.52 -3.32
C GLY A 35 9.00 4.38 -3.93
N SER A 36 8.07 3.82 -3.16
CA SER A 36 7.26 2.70 -3.64
C SER A 36 5.81 2.85 -3.18
N CYS A 37 5.48 4.03 -2.66
CA CYS A 37 4.13 4.30 -2.18
C CYS A 37 3.25 4.86 -3.29
N GLN A 38 2.04 4.34 -3.41
CA GLN A 38 1.10 4.79 -4.43
C GLN A 38 -0.22 5.24 -3.81
N SER A 39 -0.81 4.38 -2.99
CA SER A 39 -2.07 4.69 -2.34
C SER A 39 -1.97 4.45 -0.84
N GLN A 40 -2.84 5.13 -0.07
CA GLN A 40 -2.85 4.99 1.37
C GLN A 40 -1.50 5.36 1.96
N CYS A 41 -0.92 6.47 1.49
CA CYS A 41 0.37 6.92 1.97
C CYS A 41 0.23 7.66 3.30
N ARG A 42 -0.18 6.94 4.33
CA ARG A 42 -0.35 7.52 5.66
C ARG A 42 -0.47 6.43 6.72
N GLY A 43 0.11 5.26 6.44
CA GLY A 43 0.06 4.16 7.37
C GLY A 43 0.89 4.42 8.62
N CYS A 44 0.89 3.46 9.53
CA CYS A 44 1.64 3.59 10.77
C CYS A 44 3.00 2.90 10.66
N ALA A 1 0.03 -9.29 5.07
CA ALA A 1 0.27 -8.97 3.67
C ALA A 1 -1.01 -9.04 2.85
N GLN A 2 -1.35 -7.94 2.20
CA GLN A 2 -2.55 -7.86 1.39
C GLN A 2 -2.28 -7.15 0.06
N ARG A 3 -2.98 -7.57 -0.98
CA ARG A 3 -2.81 -6.97 -2.30
C ARG A 3 -3.89 -5.91 -2.56
N CYS A 4 -3.51 -4.84 -3.25
CA CYS A 4 -4.43 -3.77 -3.56
C CYS A 4 -4.20 -3.23 -4.97
N GLY A 5 -4.91 -2.16 -5.32
CA GLY A 5 -4.75 -1.57 -6.64
C GLY A 5 -5.19 -2.51 -7.75
N ASP A 6 -4.55 -2.39 -8.90
CA ASP A 6 -4.87 -3.23 -10.05
C ASP A 6 -4.69 -4.70 -9.71
N GLN A 7 -3.91 -4.98 -8.68
CA GLN A 7 -3.65 -6.35 -8.26
C GLN A 7 -4.79 -6.87 -7.38
N ALA A 8 -5.79 -6.02 -7.16
CA ALA A 8 -6.95 -6.39 -6.35
C ALA A 8 -8.24 -5.85 -6.95
N ARG A 9 -8.29 -5.81 -8.27
CA ARG A 9 -9.48 -5.30 -8.97
C ARG A 9 -9.77 -3.87 -8.56
N GLY A 10 -8.74 -3.12 -8.22
CA GLY A 10 -8.91 -1.73 -7.82
C GLY A 10 -9.36 -1.61 -6.38
N ALA A 11 -9.06 -2.62 -5.58
CA ALA A 11 -9.43 -2.61 -4.16
C ALA A 11 -8.49 -1.74 -3.35
N LYS A 12 -9.06 -0.95 -2.44
CA LYS A 12 -8.27 -0.06 -1.60
C LYS A 12 -8.02 -0.68 -0.24
N CYS A 13 -7.00 -0.18 0.46
CA CYS A 13 -6.66 -0.70 1.77
C CYS A 13 -7.08 0.28 2.87
N PRO A 14 -7.23 -0.24 4.10
CA PRO A 14 -7.64 0.58 5.26
C PRO A 14 -6.55 1.54 5.69
N ASN A 15 -6.80 2.25 6.79
CA ASN A 15 -5.84 3.22 7.32
C ASN A 15 -4.71 2.51 8.07
N CYS A 16 -3.69 3.27 8.44
CA CYS A 16 -2.55 2.72 9.17
C CYS A 16 -1.77 1.73 8.30
N LEU A 17 -2.08 1.72 7.01
CA LEU A 17 -1.40 0.84 6.07
C LEU A 17 -1.00 1.58 4.80
N CYS A 18 -0.04 1.03 4.07
CA CYS A 18 0.44 1.64 2.84
C CYS A 18 0.27 0.69 1.67
N CYS A 19 -0.22 1.22 0.55
CA CYS A 19 -0.43 0.43 -0.66
C CYS A 19 0.69 0.64 -1.66
N GLY A 20 1.55 -0.36 -1.82
CA GLY A 20 2.66 -0.25 -2.76
C GLY A 20 2.19 -0.14 -4.20
N LYS A 21 2.83 0.74 -4.96
CA LYS A 21 2.48 0.93 -6.37
C LYS A 21 2.28 -0.41 -7.07
N TYR A 22 3.02 -1.42 -6.62
CA TYR A 22 2.93 -2.76 -7.21
C TYR A 22 1.76 -3.52 -6.62
N GLY A 23 0.65 -2.82 -6.39
CA GLY A 23 -0.53 -3.46 -5.84
C GLY A 23 -0.21 -4.35 -4.65
N PHE A 24 0.66 -3.87 -3.76
CA PHE A 24 1.05 -4.63 -2.59
C PHE A 24 0.92 -3.80 -1.32
N CYS A 25 -0.11 -4.09 -0.54
CA CYS A 25 -0.35 -3.35 0.70
C CYS A 25 0.41 -3.99 1.86
N GLY A 26 1.24 -3.19 2.52
CA GLY A 26 2.01 -3.69 3.65
C GLY A 26 2.27 -2.63 4.70
N SER A 27 3.29 -2.85 5.52
CA SER A 27 3.64 -1.89 6.57
C SER A 27 5.14 -1.63 6.59
N GLY A 28 5.58 -0.86 7.58
CA GLY A 28 7.00 -0.53 7.69
C GLY A 28 7.44 0.46 6.65
N ASP A 29 8.55 1.14 6.91
CA ASP A 29 9.09 2.12 5.98
C ASP A 29 9.49 1.47 4.66
N ALA A 30 9.61 0.14 4.67
CA ALA A 30 9.99 -0.61 3.48
C ALA A 30 8.96 -0.42 2.37
N TYR A 31 7.70 -0.25 2.76
CA TYR A 31 6.62 -0.07 1.80
C TYR A 31 5.94 1.28 2.00
N CYS A 32 6.15 1.87 3.17
CA CYS A 32 5.55 3.16 3.49
C CYS A 32 6.48 4.30 3.07
N GLY A 33 7.77 4.02 3.00
CA GLY A 33 8.74 5.02 2.61
C GLY A 33 8.46 5.60 1.23
N ALA A 34 9.07 6.74 0.93
CA ALA A 34 8.88 7.39 -0.35
C ALA A 34 9.73 6.73 -1.44
N GLY A 35 9.06 6.07 -2.38
CA GLY A 35 9.78 5.40 -3.45
C GLY A 35 8.97 4.27 -4.07
N SER A 36 8.04 3.72 -3.28
CA SER A 36 7.21 2.62 -3.76
C SER A 36 5.77 2.78 -3.27
N CYS A 37 5.47 3.96 -2.74
CA CYS A 37 4.13 4.25 -2.24
C CYS A 37 3.25 4.82 -3.34
N GLN A 38 2.02 4.32 -3.44
CA GLN A 38 1.08 4.79 -4.45
C GLN A 38 -0.23 5.25 -3.80
N SER A 39 -0.81 4.39 -2.98
CA SER A 39 -2.07 4.71 -2.31
C SER A 39 -1.96 4.47 -0.80
N GLN A 40 -2.79 5.16 -0.03
CA GLN A 40 -2.79 5.01 1.42
C GLN A 40 -1.42 5.36 1.99
N CYS A 41 -0.85 6.46 1.51
CA CYS A 41 0.47 6.90 1.98
C CYS A 41 0.36 7.63 3.31
N ARG A 42 -0.04 6.90 4.34
CA ARG A 42 -0.19 7.48 5.68
C ARG A 42 -0.30 6.39 6.73
N GLY A 43 0.25 5.22 6.43
CA GLY A 43 0.21 4.11 7.37
C GLY A 43 1.06 4.35 8.60
N CYS A 44 1.05 3.39 9.52
CA CYS A 44 1.83 3.50 10.74
C CYS A 44 3.18 2.80 10.60
N ALA A 1 -0.12 -9.78 4.89
CA ALA A 1 0.02 -8.97 3.68
C ALA A 1 -1.27 -9.01 2.86
N GLN A 2 -1.57 -7.90 2.20
CA GLN A 2 -2.76 -7.80 1.38
C GLN A 2 -2.47 -7.10 0.07
N ARG A 3 -3.17 -7.50 -0.99
CA ARG A 3 -2.99 -6.91 -2.31
C ARG A 3 -4.03 -5.83 -2.58
N CYS A 4 -3.61 -4.78 -3.27
CA CYS A 4 -4.51 -3.67 -3.60
C CYS A 4 -4.25 -3.15 -5.00
N GLY A 5 -4.92 -2.06 -5.37
CA GLY A 5 -4.74 -1.48 -6.68
C GLY A 5 -5.19 -2.40 -7.80
N ASP A 6 -4.55 -2.31 -8.95
CA ASP A 6 -4.89 -3.14 -10.09
C ASP A 6 -4.75 -4.63 -9.74
N GLN A 7 -3.98 -4.91 -8.70
CA GLN A 7 -3.75 -6.28 -8.27
C GLN A 7 -4.92 -6.78 -7.41
N ALA A 8 -5.90 -5.90 -7.20
CA ALA A 8 -7.06 -6.25 -6.38
C ALA A 8 -8.33 -5.67 -6.99
N ARG A 9 -8.37 -5.63 -8.32
CA ARG A 9 -9.55 -5.10 -9.02
C ARG A 9 -9.82 -3.65 -8.62
N GLY A 10 -8.76 -2.93 -8.27
CA GLY A 10 -8.91 -1.55 -7.87
C GLY A 10 -9.36 -1.41 -6.42
N ALA A 11 -9.08 -2.43 -5.62
CA ALA A 11 -9.45 -2.41 -4.21
C ALA A 11 -8.50 -1.55 -3.39
N LYS A 12 -9.06 -0.73 -2.51
CA LYS A 12 -8.25 0.15 -1.66
C LYS A 12 -8.02 -0.48 -0.30
N CYS A 13 -7.00 -0.01 0.41
CA CYS A 13 -6.67 -0.52 1.73
C CYS A 13 -7.07 0.47 2.81
N PRO A 14 -7.25 -0.04 4.05
CA PRO A 14 -7.63 0.78 5.19
C PRO A 14 -6.52 1.73 5.64
N ASN A 15 -6.76 2.45 6.73
CA ASN A 15 -5.78 3.39 7.25
C ASN A 15 -4.67 2.66 8.01
N CYS A 16 -3.64 3.40 8.39
CA CYS A 16 -2.51 2.82 9.12
C CYS A 16 -1.76 1.80 8.26
N LEU A 17 -2.06 1.79 6.97
CA LEU A 17 -1.41 0.89 6.04
C LEU A 17 -0.97 1.62 4.77
N CYS A 18 -0.02 1.03 4.05
CA CYS A 18 0.48 1.63 2.82
C CYS A 18 0.29 0.68 1.64
N CYS A 19 -0.17 1.22 0.52
CA CYS A 19 -0.40 0.42 -0.68
C CYS A 19 0.73 0.61 -1.68
N GLY A 20 1.56 -0.42 -1.83
CA GLY A 20 2.67 -0.34 -2.76
C GLY A 20 2.21 -0.23 -4.20
N LYS A 21 2.89 0.62 -4.97
CA LYS A 21 2.55 0.82 -6.37
C LYS A 21 2.33 -0.51 -7.07
N TYR A 22 3.03 -1.55 -6.61
CA TYR A 22 2.91 -2.87 -7.19
C TYR A 22 1.70 -3.61 -6.62
N GLY A 23 0.61 -2.87 -6.39
CA GLY A 23 -0.58 -3.48 -5.85
C GLY A 23 -0.29 -4.38 -4.66
N PHE A 24 0.57 -3.92 -3.77
CA PHE A 24 0.95 -4.69 -2.58
C PHE A 24 0.83 -3.83 -1.33
N CYS A 25 -0.21 -4.08 -0.54
CA CYS A 25 -0.43 -3.35 0.70
C CYS A 25 0.30 -4.00 1.86
N GLY A 26 1.15 -3.22 2.53
CA GLY A 26 1.90 -3.75 3.65
C GLY A 26 2.18 -2.69 4.70
N SER A 27 3.20 -2.92 5.53
CA SER A 27 3.56 -1.99 6.58
C SER A 27 5.06 -1.75 6.60
N GLY A 28 5.53 -1.00 7.60
CA GLY A 28 6.94 -0.71 7.72
C GLY A 28 7.43 0.27 6.66
N ASP A 29 8.56 0.91 6.93
CA ASP A 29 9.13 1.88 6.00
C ASP A 29 9.51 1.20 4.68
N ALA A 30 9.60 -0.12 4.70
CA ALA A 30 9.96 -0.89 3.52
C ALA A 30 8.94 -0.67 2.41
N TYR A 31 7.68 -0.47 2.78
CA TYR A 31 6.61 -0.26 1.82
C TYR A 31 5.97 1.11 2.01
N CYS A 32 6.18 1.70 3.18
CA CYS A 32 5.63 3.01 3.50
C CYS A 32 6.59 4.12 3.07
N GLY A 33 7.88 3.79 3.01
CA GLY A 33 8.87 4.78 2.61
C GLY A 33 8.61 5.35 1.25
N ALA A 34 9.26 6.47 0.94
CA ALA A 34 9.10 7.13 -0.35
C ALA A 34 9.94 6.43 -1.43
N GLY A 35 9.25 5.79 -2.37
CA GLY A 35 9.96 5.10 -3.44
C GLY A 35 9.12 3.99 -4.05
N SER A 36 8.17 3.46 -3.27
CA SER A 36 7.31 2.39 -3.75
C SER A 36 5.88 2.59 -3.27
N CYS A 37 5.60 3.79 -2.74
CA CYS A 37 4.26 4.11 -2.25
C CYS A 37 3.41 4.71 -3.36
N GLN A 38 2.17 4.24 -3.46
CA GLN A 38 1.24 4.72 -4.48
C GLN A 38 -0.05 5.22 -3.84
N SER A 39 -0.67 4.39 -3.02
CA SER A 39 -1.92 4.74 -2.36
C SER A 39 -1.82 4.51 -0.85
N GLN A 40 -2.64 5.22 -0.08
CA GLN A 40 -2.64 5.08 1.36
C GLN A 40 -1.27 5.40 1.95
N CYS A 41 -0.66 6.47 1.46
CA CYS A 41 0.66 6.88 1.93
C CYS A 41 0.55 7.62 3.27
N ARG A 42 0.13 6.91 4.29
CA ARG A 42 0.00 7.49 5.63
C ARG A 42 -0.15 6.41 6.69
N GLY A 43 0.38 5.23 6.40
CA GLY A 43 0.28 4.12 7.34
C GLY A 43 1.14 4.35 8.57
N CYS A 44 1.11 3.39 9.49
CA CYS A 44 1.88 3.49 10.73
C CYS A 44 3.21 2.74 10.59
N ALA A 1 -0.08 -9.01 5.37
CA ALA A 1 0.20 -8.90 3.94
C ALA A 1 -1.08 -8.96 3.13
N GLN A 2 -1.40 -7.87 2.44
CA GLN A 2 -2.61 -7.80 1.63
C GLN A 2 -2.33 -7.13 0.29
N ARG A 3 -3.04 -7.56 -0.74
CA ARG A 3 -2.86 -7.00 -2.08
C ARG A 3 -3.92 -5.94 -2.37
N CYS A 4 -3.52 -4.89 -3.08
CA CYS A 4 -4.44 -3.81 -3.43
C CYS A 4 -4.18 -3.31 -4.85
N GLY A 5 -4.87 -2.24 -5.23
CA GLY A 5 -4.71 -1.68 -6.55
C GLY A 5 -5.16 -2.64 -7.64
N ASP A 6 -4.52 -2.56 -8.80
CA ASP A 6 -4.85 -3.42 -9.93
C ASP A 6 -4.68 -4.89 -9.55
N GLN A 7 -3.90 -5.15 -8.51
CA GLN A 7 -3.66 -6.51 -8.05
C GLN A 7 -4.81 -6.99 -7.17
N ALA A 8 -5.79 -6.14 -6.97
CA ALA A 8 -6.96 -6.47 -6.14
C ALA A 8 -8.23 -5.94 -6.75
N ARG A 9 -8.29 -5.92 -8.09
CA ARG A 9 -9.47 -5.43 -8.79
C ARG A 9 -9.76 -3.97 -8.41
N GLY A 10 -8.72 -3.23 -8.08
CA GLY A 10 -8.88 -1.84 -7.71
C GLY A 10 -9.33 -1.68 -6.26
N ALA A 11 -9.03 -2.67 -5.44
CA ALA A 11 -9.40 -2.64 -4.03
C ALA A 11 -8.46 -1.75 -3.23
N LYS A 12 -9.03 -0.92 -2.36
CA LYS A 12 -8.24 -0.01 -1.54
C LYS A 12 -7.98 -0.61 -0.16
N CYS A 13 -6.96 -0.11 0.52
CA CYS A 13 -6.62 -0.59 1.85
C CYS A 13 -7.04 0.42 2.93
N PRO A 14 -7.19 -0.07 4.17
CA PRO A 14 -7.58 0.76 5.30
C PRO A 14 -6.48 1.73 5.71
N ASN A 15 -6.72 2.47 6.80
CA ASN A 15 -5.75 3.44 7.30
C ASN A 15 -4.64 2.74 8.07
N CYS A 16 -3.60 3.49 8.42
CA CYS A 16 -2.47 2.95 9.16
C CYS A 16 -1.71 1.94 8.31
N LEU A 17 -2.01 1.90 7.02
CA LEU A 17 -1.34 0.98 6.10
C LEU A 17 -0.93 1.70 4.82
N CYS A 18 0.02 1.11 4.10
CA CYS A 18 0.52 1.69 2.86
C CYS A 18 0.33 0.71 1.70
N CYS A 19 -0.15 1.22 0.57
CA CYS A 19 -0.37 0.41 -0.61
C CYS A 19 0.76 0.59 -1.63
N GLY A 20 1.60 -0.43 -1.75
CA GLY A 20 2.70 -0.36 -2.69
C GLY A 20 2.24 -0.28 -4.13
N LYS A 21 2.90 0.57 -4.92
CA LYS A 21 2.54 0.73 -6.32
C LYS A 21 2.33 -0.62 -7.00
N TYR A 22 3.06 -1.63 -6.52
CA TYR A 22 2.96 -2.98 -7.08
C TYR A 22 1.76 -3.72 -6.48
N GLY A 23 0.67 -2.99 -6.26
CA GLY A 23 -0.52 -3.60 -5.70
C GLY A 23 -0.22 -4.47 -4.50
N PHE A 24 0.65 -3.98 -3.62
CA PHE A 24 1.03 -4.72 -2.43
C PHE A 24 0.92 -3.85 -1.19
N CYS A 25 -0.12 -4.10 -0.38
CA CYS A 25 -0.34 -3.34 0.83
C CYS A 25 0.41 -3.95 2.01
N GLY A 26 1.25 -3.16 2.66
CA GLY A 26 2.02 -3.65 3.79
C GLY A 26 2.29 -2.56 4.81
N SER A 27 3.30 -2.76 5.64
CA SER A 27 3.67 -1.80 6.67
C SER A 27 5.17 -1.54 6.68
N GLY A 28 5.63 -0.76 7.65
CA GLY A 28 7.05 -0.45 7.76
C GLY A 28 7.50 0.52 6.68
N ASP A 29 8.62 1.18 6.93
CA ASP A 29 9.17 2.14 5.97
C ASP A 29 9.55 1.45 4.67
N ALA A 30 9.67 0.13 4.71
CA ALA A 30 10.03 -0.65 3.54
C ALA A 30 9.00 -0.48 2.43
N TYR A 31 7.74 -0.29 2.81
CA TYR A 31 6.67 -0.12 1.85
C TYR A 31 6.00 1.25 2.02
N CYS A 32 6.22 1.87 3.19
CA CYS A 32 5.64 3.17 3.47
C CYS A 32 6.58 4.29 3.03
N GLY A 33 7.87 3.98 2.96
CA GLY A 33 8.85 4.97 2.55
C GLY A 33 8.57 5.52 1.16
N ALA A 34 9.20 6.65 0.83
CA ALA A 34 9.02 7.27 -0.47
C ALA A 34 9.86 6.57 -1.53
N GLY A 35 9.19 5.88 -2.46
CA GLY A 35 9.89 5.19 -3.51
C GLY A 35 9.08 4.05 -4.10
N SER A 36 8.14 3.53 -3.31
CA SER A 36 7.29 2.42 -3.75
C SER A 36 5.86 2.61 -3.27
N CYS A 37 5.56 3.82 -2.78
CA CYS A 37 4.23 4.14 -2.29
C CYS A 37 3.35 4.69 -3.40
N GLN A 38 2.12 4.20 -3.48
CA GLN A 38 1.19 4.65 -4.51
C GLN A 38 -0.12 5.15 -3.88
N SER A 39 -0.71 4.31 -3.04
CA SER A 39 -1.96 4.66 -2.37
C SER A 39 -1.85 4.45 -0.86
N GLN A 40 -2.69 5.16 -0.12
CA GLN A 40 -2.69 5.06 1.34
C GLN A 40 -1.31 5.41 1.90
N CYS A 41 -0.72 6.48 1.40
CA CYS A 41 0.59 6.92 1.86
C CYS A 41 0.48 7.68 3.17
N ARG A 42 0.08 6.99 4.22
CA ARG A 42 -0.07 7.60 5.55
C ARG A 42 -0.19 6.53 6.63
N GLY A 43 0.36 5.36 6.35
CA GLY A 43 0.30 4.27 7.32
C GLY A 43 1.15 4.52 8.54
N CYS A 44 1.14 3.59 9.48
CA CYS A 44 1.92 3.72 10.70
C CYS A 44 3.26 3.00 10.57
N ALA A 1 -0.04 -9.42 5.07
CA ALA A 1 0.18 -9.00 3.70
C ALA A 1 -1.11 -9.05 2.89
N GLN A 2 -1.44 -7.94 2.24
CA GLN A 2 -2.66 -7.85 1.44
C GLN A 2 -2.38 -7.14 0.12
N ARG A 3 -3.09 -7.54 -0.93
CA ARG A 3 -2.93 -6.94 -2.24
C ARG A 3 -3.99 -5.86 -2.49
N CYS A 4 -3.60 -4.80 -3.18
CA CYS A 4 -4.51 -3.70 -3.48
C CYS A 4 -4.27 -3.17 -4.89
N GLY A 5 -4.96 -2.08 -5.22
CA GLY A 5 -4.80 -1.49 -6.54
C GLY A 5 -5.29 -2.39 -7.65
N ASP A 6 -4.69 -2.26 -8.83
CA ASP A 6 -5.08 -3.07 -9.97
C ASP A 6 -4.91 -4.56 -9.67
N GLN A 7 -4.10 -4.86 -8.67
CA GLN A 7 -3.86 -6.24 -8.27
C GLN A 7 -4.97 -6.76 -7.38
N ALA A 8 -5.96 -5.91 -7.11
CA ALA A 8 -7.08 -6.28 -6.27
C ALA A 8 -8.39 -5.71 -6.83
N ARG A 9 -8.48 -5.64 -8.15
CA ARG A 9 -9.68 -5.12 -8.80
C ARG A 9 -9.92 -3.67 -8.41
N GLY A 10 -8.84 -2.95 -8.09
CA GLY A 10 -8.97 -1.56 -7.70
C GLY A 10 -9.38 -1.40 -6.25
N ALA A 11 -9.16 -2.44 -5.46
CA ALA A 11 -9.52 -2.41 -4.05
C ALA A 11 -8.50 -1.61 -3.24
N LYS A 12 -8.99 -0.67 -2.44
CA LYS A 12 -8.13 0.17 -1.62
C LYS A 12 -7.92 -0.46 -0.24
N CYS A 13 -6.90 0.02 0.47
CA CYS A 13 -6.60 -0.51 1.80
C CYS A 13 -7.01 0.50 2.88
N PRO A 14 -7.20 0.01 4.10
CA PRO A 14 -7.59 0.84 5.25
C PRO A 14 -6.47 1.77 5.69
N ASN A 15 -6.71 2.50 6.78
CA ASN A 15 -5.72 3.43 7.31
C ASN A 15 -4.64 2.69 8.08
N CYS A 16 -3.59 3.42 8.46
CA CYS A 16 -2.48 2.83 9.20
C CYS A 16 -1.72 1.82 8.35
N LEU A 17 -2.01 1.81 7.06
CA LEU A 17 -1.37 0.90 6.13
C LEU A 17 -0.92 1.63 4.86
N CYS A 18 0.01 1.02 4.13
CA CYS A 18 0.52 1.61 2.90
C CYS A 18 0.31 0.66 1.72
N CYS A 19 -0.16 1.21 0.60
CA CYS A 19 -0.40 0.41 -0.59
C CYS A 19 0.71 0.62 -1.62
N GLY A 20 1.54 -0.40 -1.80
CA GLY A 20 2.64 -0.32 -2.74
C GLY A 20 2.16 -0.21 -4.18
N LYS A 21 2.81 0.66 -4.95
CA LYS A 21 2.44 0.85 -6.35
C LYS A 21 2.22 -0.48 -7.04
N TYR A 22 2.94 -1.50 -6.60
CA TYR A 22 2.83 -2.83 -7.19
C TYR A 22 1.65 -3.59 -6.59
N GLY A 23 0.55 -2.88 -6.34
CA GLY A 23 -0.62 -3.50 -5.78
C GLY A 23 -0.30 -4.39 -4.59
N PHE A 24 0.58 -3.92 -3.73
CA PHE A 24 0.98 -4.68 -2.55
C PHE A 24 0.86 -3.83 -1.29
N CYS A 25 -0.16 -4.10 -0.50
CA CYS A 25 -0.38 -3.36 0.74
C CYS A 25 0.37 -4.01 1.90
N GLY A 26 1.21 -3.23 2.57
CA GLY A 26 1.98 -3.73 3.68
C GLY A 26 2.25 -2.68 4.74
N SER A 27 3.28 -2.91 5.56
CA SER A 27 3.64 -1.96 6.61
C SER A 27 5.14 -1.72 6.62
N GLY A 28 5.60 -0.97 7.61
CA GLY A 28 7.02 -0.67 7.73
C GLY A 28 7.49 0.31 6.68
N ASP A 29 8.63 0.95 6.94
CA ASP A 29 9.18 1.93 6.01
C ASP A 29 9.56 1.26 4.69
N ALA A 30 9.68 -0.07 4.71
CA ALA A 30 10.03 -0.82 3.52
C ALA A 30 9.01 -0.61 2.41
N TYR A 31 7.75 -0.43 2.81
CA TYR A 31 6.67 -0.22 1.84
C TYR A 31 6.02 1.14 2.03
N CYS A 32 6.25 1.74 3.20
CA CYS A 32 5.68 3.04 3.51
C CYS A 32 6.62 4.16 3.08
N GLY A 33 7.91 3.84 3.01
CA GLY A 33 8.90 4.83 2.60
C GLY A 33 8.62 5.41 1.23
N ALA A 34 9.25 6.54 0.92
CA ALA A 34 9.07 7.18 -0.37
C ALA A 34 9.90 6.49 -1.46
N GLY A 35 9.21 5.82 -2.38
CA GLY A 35 9.91 5.13 -3.45
C GLY A 35 9.07 4.03 -4.07
N SER A 36 8.14 3.50 -3.28
CA SER A 36 7.27 2.43 -3.76
C SER A 36 5.85 2.62 -3.27
N CYS A 37 5.57 3.80 -2.73
CA CYS A 37 4.24 4.12 -2.21
C CYS A 37 3.36 4.73 -3.31
N GLN A 38 2.13 4.25 -3.41
CA GLN A 38 1.19 4.75 -4.41
C GLN A 38 -0.09 5.25 -3.76
N SER A 39 -0.70 4.40 -2.93
CA SER A 39 -1.93 4.75 -2.25
C SER A 39 -1.82 4.52 -0.74
N GLN A 40 -2.63 5.23 0.03
CA GLN A 40 -2.61 5.10 1.48
C GLN A 40 -1.23 5.41 2.04
N CYS A 41 -0.63 6.50 1.57
CA CYS A 41 0.70 6.90 2.02
C CYS A 41 0.61 7.64 3.36
N ARG A 42 0.20 6.92 4.40
CA ARG A 42 0.08 7.51 5.73
C ARG A 42 -0.08 6.42 6.79
N GLY A 43 0.43 5.23 6.48
CA GLY A 43 0.34 4.13 7.41
C GLY A 43 1.18 4.34 8.65
N CYS A 44 1.14 3.38 9.57
CA CYS A 44 1.91 3.47 10.81
C CYS A 44 3.23 2.72 10.68
N ALA A 1 0.13 -9.18 4.98
CA ALA A 1 0.39 -8.99 3.56
C ALA A 1 -0.91 -9.05 2.76
N GLN A 2 -1.27 -7.94 2.12
CA GLN A 2 -2.48 -7.87 1.32
C GLN A 2 -2.23 -7.13 0.01
N ARG A 3 -2.95 -7.54 -1.04
CA ARG A 3 -2.79 -6.91 -2.34
C ARG A 3 -3.88 -5.86 -2.57
N CYS A 4 -3.53 -4.79 -3.27
CA CYS A 4 -4.46 -3.71 -3.55
C CYS A 4 -4.25 -3.16 -4.95
N GLY A 5 -4.98 -2.10 -5.29
CA GLY A 5 -4.85 -1.49 -6.59
C GLY A 5 -5.31 -2.42 -7.71
N ASP A 6 -4.68 -2.30 -8.88
CA ASP A 6 -5.02 -3.13 -10.02
C ASP A 6 -4.85 -4.61 -9.69
N GLN A 7 -4.04 -4.88 -8.66
CA GLN A 7 -3.78 -6.26 -8.25
C GLN A 7 -4.91 -6.78 -7.37
N ALA A 8 -5.90 -5.93 -7.13
CA ALA A 8 -7.05 -6.31 -6.30
C ALA A 8 -8.35 -5.77 -6.88
N ARG A 9 -8.42 -5.72 -8.21
CA ARG A 9 -9.61 -5.21 -8.88
C ARG A 9 -9.91 -3.78 -8.47
N GLY A 10 -8.86 -3.03 -8.14
CA GLY A 10 -9.04 -1.65 -7.73
C GLY A 10 -9.46 -1.52 -6.28
N ALA A 11 -9.15 -2.54 -5.48
CA ALA A 11 -9.50 -2.55 -4.07
C ALA A 11 -8.53 -1.68 -3.27
N LYS A 12 -9.08 -0.90 -2.34
CA LYS A 12 -8.27 -0.01 -1.51
C LYS A 12 -8.00 -0.66 -0.15
N CYS A 13 -6.97 -0.16 0.54
CA CYS A 13 -6.60 -0.69 1.85
C CYS A 13 -7.01 0.28 2.96
N PRO A 14 -7.15 -0.25 4.19
CA PRO A 14 -7.53 0.55 5.35
C PRO A 14 -6.44 1.52 5.78
N ASN A 15 -6.68 2.21 6.89
CA ASN A 15 -5.71 3.17 7.41
C ASN A 15 -4.58 2.47 8.14
N CYS A 16 -3.55 3.22 8.50
CA CYS A 16 -2.40 2.67 9.21
C CYS A 16 -1.64 1.69 8.32
N LEU A 17 -1.96 1.70 7.03
CA LEU A 17 -1.30 0.81 6.07
C LEU A 17 -0.90 1.57 4.81
N CYS A 18 0.04 1.02 4.07
CA CYS A 18 0.51 1.65 2.83
C CYS A 18 0.31 0.71 1.64
N CYS A 19 -0.20 1.25 0.54
CA CYS A 19 -0.43 0.46 -0.66
C CYS A 19 0.68 0.70 -1.69
N GLY A 20 1.54 -0.30 -1.88
CA GLY A 20 2.62 -0.17 -2.83
C GLY A 20 2.13 -0.06 -4.26
N LYS A 21 2.76 0.83 -5.03
CA LYS A 21 2.38 1.03 -6.41
C LYS A 21 2.17 -0.30 -7.13
N TYR A 22 2.93 -1.31 -6.71
CA TYR A 22 2.83 -2.63 -7.31
C TYR A 22 1.67 -3.42 -6.70
N GLY A 23 0.56 -2.73 -6.44
CA GLY A 23 -0.60 -3.38 -5.87
C GLY A 23 -0.25 -4.28 -4.71
N PHE A 24 0.63 -3.80 -3.82
CA PHE A 24 1.05 -4.57 -2.67
C PHE A 24 0.93 -3.74 -1.39
N CYS A 25 -0.08 -4.04 -0.58
CA CYS A 25 -0.32 -3.32 0.66
C CYS A 25 0.46 -3.97 1.81
N GLY A 26 1.30 -3.18 2.46
CA GLY A 26 2.09 -3.70 3.58
C GLY A 26 2.35 -2.64 4.63
N SER A 27 3.38 -2.86 5.44
CA SER A 27 3.74 -1.93 6.49
C SER A 27 5.25 -1.65 6.50
N GLY A 28 5.71 -0.90 7.48
CA GLY A 28 7.11 -0.57 7.58
C GLY A 28 7.55 0.44 6.52
N ASP A 29 8.66 1.10 6.79
CA ASP A 29 9.19 2.10 5.85
C ASP A 29 9.57 1.46 4.53
N ALA A 30 9.70 0.13 4.53
CA ALA A 30 10.06 -0.61 3.33
C ALA A 30 9.02 -0.41 2.23
N TYR A 31 7.77 -0.26 2.64
CA TYR A 31 6.68 -0.06 1.69
C TYR A 31 6.00 1.28 1.92
N CYS A 32 6.22 1.87 3.08
CA CYS A 32 5.62 3.15 3.42
C CYS A 32 6.54 4.30 3.00
N GLY A 33 7.83 4.01 2.90
CA GLY A 33 8.79 5.03 2.50
C GLY A 33 8.48 5.62 1.13
N ALA A 34 9.09 6.76 0.83
CA ALA A 34 8.87 7.42 -0.44
C ALA A 34 9.70 6.78 -1.54
N GLY A 35 9.02 6.16 -2.50
CA GLY A 35 9.70 5.51 -3.61
C GLY A 35 8.90 4.37 -4.21
N SER A 36 7.99 3.81 -3.42
CA SER A 36 7.14 2.71 -3.88
C SER A 36 5.72 2.87 -3.37
N CYS A 37 5.41 4.05 -2.83
CA CYS A 37 4.09 4.32 -2.29
C CYS A 37 3.18 4.90 -3.38
N GLN A 38 1.95 4.40 -3.45
CA GLN A 38 0.99 4.87 -4.45
C GLN A 38 -0.30 5.32 -3.78
N SER A 39 -0.87 4.45 -2.95
CA SER A 39 -2.12 4.76 -2.24
C SER A 39 -1.97 4.49 -0.75
N GLN A 40 -2.80 5.18 0.03
CA GLN A 40 -2.76 5.02 1.49
C GLN A 40 -1.39 5.37 2.04
N CYS A 41 -0.82 6.47 1.56
CA CYS A 41 0.49 6.92 2.00
C CYS A 41 0.40 7.64 3.35
N ARG A 42 0.02 6.89 4.38
CA ARG A 42 -0.11 7.47 5.72
C ARG A 42 -0.20 6.36 6.77
N GLY A 43 0.36 5.20 6.45
CA GLY A 43 0.32 4.07 7.38
C GLY A 43 1.19 4.31 8.60
N CYS A 44 1.21 3.34 9.51
CA CYS A 44 2.00 3.44 10.72
C CYS A 44 3.35 2.74 10.55
#